data_9INM
#
_entry.id   9INM
#
_cell.length_a   93.193
_cell.length_b   80.665
_cell.length_c   100.552
_cell.angle_alpha   90.000
_cell.angle_beta   93.406
_cell.angle_gamma   90.000
#
_symmetry.space_group_name_H-M   'P 1 21 1'
#
loop_
_entity.id
_entity.type
_entity.pdbx_description
1 polymer '3C-like proteinase nsp5'
2 non-polymer ~{N}-[(2~{S})-3-cyclohexyl-1-oxidanylidene-1-[[(2~{S})-1-oxidanylidene-3-[(3~{S})-2-oxidanylidenepyrrolidin-3-yl]propan-2-yl]amino]propan-2-yl]-1~{H}-indole-2-carboxamide
3 water water
#
_entity_poly.entity_id   1
_entity_poly.type   'polypeptide(L)'
_entity_poly.pdbx_seq_one_letter_code
;SGLVKMSHPSGDVEACMVQVTCGSMTLNGLWLDNTVWCPRHVMCPADQLSDPNYDALLISMTNHSFSVQKHIGAPANLRV
VGHAMQGTLLKLTVDVANPSTPAYTFTTVKPGAAFSVLACYNGRPTGTFTVVMRPNYTIKGSFLCGSCGSVGYTKEGSVI
NFCYMHQMELANGTHTGSAFDGTMYGAFMDKQVHQVQLTDKYCSVNVVAWLYAAILNGCAWFVKPNRTSVVSFNEWALAN
QFTEFVGTQSVDMLAVKTGVAIEQLLYAIQQLYTGFQGKQILGSTMLEDEFTPEDVNMQIM
;
_entity_poly.pdbx_strand_id   A,B,C,D
#
# COMPACT_ATOMS: atom_id res chain seq x y z
N SER A 1 -43.49 13.41 -25.06
CA SER A 1 -44.58 12.60 -24.52
C SER A 1 -44.34 12.30 -23.05
N GLY A 2 -43.39 13.01 -22.45
CA GLY A 2 -43.20 12.99 -21.02
C GLY A 2 -42.10 12.06 -20.57
N LEU A 3 -41.76 12.18 -19.29
CA LEU A 3 -40.72 11.40 -18.65
C LEU A 3 -41.30 10.09 -18.15
N VAL A 4 -40.42 9.22 -17.67
CA VAL A 4 -40.83 8.01 -16.98
C VAL A 4 -40.12 7.99 -15.64
N LYS A 5 -40.74 7.27 -14.71
CA LYS A 5 -40.11 7.07 -13.42
C LYS A 5 -38.97 6.08 -13.60
N MET A 6 -37.77 6.63 -13.67
CA MET A 6 -36.54 5.90 -13.89
C MET A 6 -35.87 5.60 -12.55
N SER A 7 -35.62 4.32 -12.29
CA SER A 7 -34.78 4.00 -11.16
C SER A 7 -33.48 3.40 -11.66
N HIS A 8 -32.50 3.34 -10.75
CA HIS A 8 -31.20 2.76 -11.06
C HIS A 8 -31.31 1.23 -11.19
N PRO A 9 -30.44 0.62 -11.98
CA PRO A 9 -30.37 -0.85 -12.01
C PRO A 9 -30.03 -1.42 -10.63
N SER A 10 -30.89 -2.31 -10.14
CA SER A 10 -30.84 -2.85 -8.79
C SER A 10 -29.82 -3.98 -8.55
N GLY A 11 -29.10 -4.44 -9.59
CA GLY A 11 -28.22 -5.61 -9.41
C GLY A 11 -27.20 -5.46 -8.29
N ASP A 12 -26.56 -4.30 -8.19
CA ASP A 12 -25.63 -4.08 -7.08
C ASP A 12 -26.28 -4.34 -5.73
N VAL A 13 -27.54 -3.93 -5.58
CA VAL A 13 -28.17 -3.99 -4.27
C VAL A 13 -28.79 -5.36 -4.03
N GLU A 14 -29.16 -6.05 -5.10
CA GLU A 14 -29.72 -7.39 -5.00
C GLU A 14 -28.76 -8.34 -4.30
N ALA A 15 -27.48 -8.30 -4.69
CA ALA A 15 -26.39 -9.11 -4.17
C ALA A 15 -26.06 -8.82 -2.71
N CYS A 16 -26.77 -7.85 -2.12
CA CYS A 16 -26.53 -7.38 -0.76
C CYS A 16 -27.71 -7.68 0.16
N MET A 17 -28.80 -8.23 -0.37
CA MET A 17 -30.00 -8.42 0.40
C MET A 17 -29.98 -9.80 1.08
N VAL A 18 -30.45 -9.84 2.33
CA VAL A 18 -30.49 -11.07 3.12
C VAL A 18 -31.73 -11.01 4.00
N GLN A 19 -32.11 -12.15 4.57
CA GLN A 19 -33.18 -12.22 5.56
C GLN A 19 -32.54 -12.20 6.95
N VAL A 20 -33.17 -11.48 7.87
CA VAL A 20 -32.77 -11.47 9.28
C VAL A 20 -33.98 -11.93 10.07
N THR A 21 -33.81 -13.00 10.84
CA THR A 21 -34.87 -13.42 11.76
C THR A 21 -34.35 -13.25 13.18
N CYS A 22 -35.17 -12.65 14.03
CA CYS A 22 -34.91 -12.60 15.46
C CYS A 22 -36.22 -12.86 16.19
N GLY A 23 -36.19 -13.82 17.12
CA GLY A 23 -37.37 -14.29 17.81
C GLY A 23 -38.50 -14.62 16.88
N SER A 24 -39.62 -13.94 17.06
CA SER A 24 -40.79 -14.09 16.22
C SER A 24 -40.73 -13.28 14.92
N MET A 25 -39.68 -12.47 14.76
CA MET A 25 -39.66 -11.51 13.62
C MET A 25 -38.75 -11.85 12.44
N THR A 26 -39.29 -11.74 11.23
CA THR A 26 -38.51 -11.98 9.99
C THR A 26 -38.61 -10.72 9.12
N LEU A 27 -37.48 -10.21 8.67
CA LEU A 27 -37.42 -8.97 7.86
C LEU A 27 -36.14 -8.96 7.03
N ASN A 28 -36.00 -7.99 6.17
CA ASN A 28 -34.84 -7.92 5.28
C ASN A 28 -33.64 -7.21 5.92
N GLY A 29 -32.45 -7.60 5.52
CA GLY A 29 -31.25 -6.93 5.96
C GLY A 29 -30.35 -6.58 4.79
N LEU A 30 -29.47 -5.60 5.02
CA LEU A 30 -28.51 -5.14 4.01
C LEU A 30 -27.10 -5.51 4.44
N TRP A 31 -26.48 -6.39 3.69
CA TRP A 31 -25.18 -6.96 4.02
C TRP A 31 -24.09 -6.23 3.22
N LEU A 32 -23.30 -5.40 3.91
CA LEU A 32 -22.13 -4.77 3.33
C LEU A 32 -20.90 -5.12 4.16
N ASP A 33 -19.90 -5.70 3.49
CA ASP A 33 -18.61 -6.11 4.08
C ASP A 33 -18.94 -7.03 5.26
N ASN A 34 -18.42 -6.80 6.46
CA ASN A 34 -18.79 -7.67 7.58
C ASN A 34 -19.98 -7.15 8.38
N THR A 35 -20.89 -6.39 7.77
CA THR A 35 -22.02 -5.83 8.49
C THR A 35 -23.32 -6.16 7.79
N VAL A 36 -24.34 -6.48 8.59
CA VAL A 36 -25.73 -6.60 8.13
C VAL A 36 -26.54 -5.56 8.90
N TRP A 37 -27.17 -4.64 8.17
CA TRP A 37 -28.07 -3.65 8.76
C TRP A 37 -29.51 -4.11 8.64
N CYS A 38 -30.31 -3.80 9.65
CA CYS A 38 -31.73 -4.11 9.62
C CYS A 38 -32.44 -3.25 10.67
N PRO A 39 -33.74 -3.05 10.53
CA PRO A 39 -34.47 -2.34 11.59
C PRO A 39 -34.33 -3.05 12.93
N ARG A 40 -34.21 -2.25 14.01
CA ARG A 40 -34.01 -2.79 15.34
C ARG A 40 -35.29 -3.36 15.94
N HIS A 41 -36.46 -3.00 15.40
CA HIS A 41 -37.66 -3.63 15.89
C HIS A 41 -37.78 -5.10 15.51
N VAL A 42 -36.79 -5.68 14.81
CA VAL A 42 -36.73 -7.14 14.67
C VAL A 42 -36.51 -7.80 16.03
N MET A 43 -36.08 -7.01 17.02
CA MET A 43 -35.89 -7.49 18.39
C MET A 43 -37.17 -7.49 19.23
N CYS A 44 -38.15 -6.76 18.82
CA CYS A 44 -39.33 -6.50 19.62
C CYS A 44 -40.27 -7.70 19.63
N PRO A 45 -40.83 -8.06 20.78
CA PRO A 45 -41.86 -9.11 20.82
C PRO A 45 -43.17 -8.63 20.22
N ALA A 46 -43.99 -9.61 19.82
CA ALA A 46 -45.26 -9.28 19.17
C ALA A 46 -46.21 -8.56 20.11
N ASP A 47 -46.07 -8.77 21.42
CA ASP A 47 -46.96 -8.16 22.39
C ASP A 47 -46.62 -6.69 22.64
N GLN A 48 -45.34 -6.31 22.54
CA GLN A 48 -44.88 -5.02 23.04
C GLN A 48 -44.50 -4.03 21.93
N LEU A 49 -45.19 -4.11 20.79
CA LEU A 49 -44.93 -3.19 19.69
C LEU A 49 -45.22 -1.74 20.06
N SER A 50 -46.12 -1.50 21.00
CA SER A 50 -46.64 -0.14 21.21
C SER A 50 -45.58 0.79 21.76
N ASP A 51 -44.76 0.30 22.67
CA ASP A 51 -43.64 1.08 23.23
C ASP A 51 -42.62 0.05 23.69
N PRO A 52 -41.59 -0.18 22.89
CA PRO A 52 -40.57 -1.15 23.27
C PRO A 52 -39.47 -0.51 24.09
N ASN A 53 -38.88 -1.31 24.96
CA ASN A 53 -37.62 -0.92 25.60
C ASN A 53 -36.53 -1.50 24.72
N TYR A 54 -35.99 -0.65 23.85
CA TYR A 54 -34.98 -1.13 22.93
C TYR A 54 -33.67 -1.40 23.65
N ASP A 55 -33.36 -0.60 24.67
CA ASP A 55 -32.15 -0.86 25.44
C ASP A 55 -32.25 -2.16 26.24
N ALA A 56 -33.45 -2.54 26.67
CA ALA A 56 -33.62 -3.80 27.38
C ALA A 56 -33.61 -5.00 26.45
N LEU A 57 -34.05 -4.81 25.20
CA LEU A 57 -34.04 -5.92 24.26
C LEU A 57 -32.62 -6.24 23.79
N LEU A 58 -31.77 -5.22 23.69
CA LEU A 58 -30.40 -5.44 23.22
C LEU A 58 -29.55 -6.12 24.28
N ILE A 59 -29.71 -5.70 25.53
CA ILE A 59 -29.08 -6.41 26.64
C ILE A 59 -29.53 -7.86 26.64
N SER A 60 -30.81 -8.07 26.35
CA SER A 60 -31.43 -9.40 26.32
C SER A 60 -31.02 -10.25 25.11
N MET A 61 -30.39 -9.68 24.09
CA MET A 61 -30.01 -10.45 22.91
C MET A 61 -28.56 -10.91 23.01
N THR A 62 -28.25 -12.00 22.29
CA THR A 62 -26.88 -12.44 22.06
C THR A 62 -26.69 -12.65 20.55
N ASN A 63 -25.42 -12.86 20.18
CA ASN A 63 -25.08 -13.18 18.80
C ASN A 63 -25.91 -14.36 18.28
N HIS A 64 -26.29 -15.28 19.17
CA HIS A 64 -27.16 -16.41 18.81
C HIS A 64 -28.63 -16.05 18.74
N SER A 65 -29.02 -14.82 19.11
CA SER A 65 -30.41 -14.43 18.94
C SER A 65 -30.75 -14.06 17.50
N PHE A 66 -29.76 -13.93 16.64
CA PHE A 66 -29.98 -13.44 15.28
C PHE A 66 -29.55 -14.51 14.28
N SER A 67 -30.42 -14.80 13.34
CA SER A 67 -30.05 -15.61 12.20
C SER A 67 -30.04 -14.74 10.94
N VAL A 68 -29.08 -14.99 10.05
CA VAL A 68 -28.98 -14.28 8.78
C VAL A 68 -28.92 -15.32 7.68
N GLN A 69 -29.67 -15.08 6.62
CA GLN A 69 -29.72 -16.04 5.50
C GLN A 69 -29.63 -15.34 4.16
N LYS A 70 -28.75 -15.81 3.27
CA LYS A 70 -28.76 -15.25 1.89
C LYS A 70 -29.35 -16.28 0.94
N HIS A 71 -30.44 -15.92 0.28
CA HIS A 71 -31.20 -16.85 -0.58
C HIS A 71 -30.92 -16.66 -2.06
N ILE A 72 -30.76 -15.42 -2.46
CA ILE A 72 -30.68 -15.09 -3.90
C ILE A 72 -29.27 -15.23 -4.43
N GLY A 73 -29.19 -15.50 -5.72
CA GLY A 73 -27.90 -15.63 -6.37
C GLY A 73 -26.90 -16.42 -5.57
N ALA A 74 -25.72 -15.86 -5.37
CA ALA A 74 -24.64 -16.59 -4.70
C ALA A 74 -24.98 -16.83 -3.23
N PRO A 75 -25.39 -18.04 -2.84
CA PRO A 75 -25.87 -18.27 -1.47
C PRO A 75 -24.72 -18.52 -0.49
N ALA A 76 -25.02 -18.36 0.79
CA ALA A 76 -23.95 -18.45 1.77
C ALA A 76 -24.51 -18.77 3.15
N ASN A 77 -23.60 -19.24 4.01
CA ASN A 77 -23.80 -19.42 5.45
C ASN A 77 -23.30 -18.17 6.18
N LEU A 78 -24.18 -17.47 6.91
CA LEU A 78 -23.79 -16.21 7.56
C LEU A 78 -24.00 -16.31 9.07
N ARG A 79 -22.91 -16.16 9.82
CA ARG A 79 -22.93 -16.31 11.26
C ARG A 79 -22.65 -14.97 11.93
N VAL A 80 -23.58 -14.54 12.78
CA VAL A 80 -23.47 -13.28 13.51
C VAL A 80 -22.44 -13.43 14.61
N VAL A 81 -21.49 -12.50 14.65
CA VAL A 81 -20.41 -12.54 15.63
C VAL A 81 -20.32 -11.25 16.45
N GLY A 82 -21.13 -10.27 16.15
CA GLY A 82 -21.28 -9.10 16.99
C GLY A 82 -22.62 -8.46 16.72
N HIS A 83 -23.14 -7.77 17.72
CA HIS A 83 -24.38 -7.03 17.57
C HIS A 83 -24.25 -5.73 18.34
N ALA A 84 -24.89 -4.70 17.81
CA ALA A 84 -24.80 -3.34 18.30
C ALA A 84 -26.02 -2.59 17.79
N MET A 85 -26.30 -1.46 18.44
CA MET A 85 -27.46 -0.66 18.08
C MET A 85 -27.03 0.76 17.76
N GLN A 86 -27.63 1.32 16.70
CA GLN A 86 -27.31 2.66 16.24
C GLN A 86 -28.64 3.31 15.87
N GLY A 87 -29.10 4.20 16.75
CA GLY A 87 -30.40 4.84 16.59
C GLY A 87 -31.45 3.78 16.36
N THR A 88 -32.17 3.89 15.25
CA THR A 88 -33.22 2.92 14.99
C THR A 88 -32.71 1.72 14.23
N LEU A 89 -31.40 1.52 14.16
CA LEU A 89 -30.82 0.43 13.36
C LEU A 89 -30.02 -0.55 14.20
N LEU A 90 -30.02 -1.81 13.76
CA LEU A 90 -29.09 -2.81 14.24
C LEU A 90 -27.91 -2.93 13.28
N LYS A 91 -26.73 -3.06 13.87
CA LYS A 91 -25.48 -3.27 13.15
C LYS A 91 -24.93 -4.65 13.51
N LEU A 92 -25.29 -5.65 12.72
CA LEU A 92 -24.82 -7.01 12.97
C LEU A 92 -23.50 -7.26 12.25
N THR A 93 -22.50 -7.72 13.01
CA THR A 93 -21.27 -8.21 12.43
C THR A 93 -21.42 -9.70 12.13
N VAL A 94 -21.06 -10.10 10.91
CA VAL A 94 -21.01 -11.49 10.50
C VAL A 94 -19.57 -11.81 10.14
N ASP A 95 -19.28 -13.12 10.02
CA ASP A 95 -17.89 -13.58 9.88
C ASP A 95 -17.41 -13.62 8.44
N VAL A 96 -18.20 -13.15 7.48
CA VAL A 96 -17.86 -13.21 6.07
C VAL A 96 -18.14 -11.86 5.44
N ALA A 97 -17.11 -11.26 4.84
CA ALA A 97 -17.36 -10.08 4.02
C ALA A 97 -18.22 -10.46 2.81
N ASN A 98 -19.14 -9.60 2.47
CA ASN A 98 -19.93 -9.82 1.26
C ASN A 98 -18.99 -9.70 0.06
N PRO A 99 -18.82 -10.76 -0.74
CA PRO A 99 -17.93 -10.66 -1.91
C PRO A 99 -18.48 -9.77 -3.04
N SER A 100 -19.73 -9.34 -2.96
CA SER A 100 -20.31 -8.42 -3.95
C SER A 100 -20.65 -7.08 -3.31
N THR A 101 -19.77 -6.55 -2.47
CA THR A 101 -20.06 -5.29 -1.82
C THR A 101 -19.69 -4.14 -2.76
N PRO A 102 -20.65 -3.33 -3.17
CA PRO A 102 -20.32 -2.20 -4.03
C PRO A 102 -19.69 -1.08 -3.23
N ALA A 103 -18.99 -0.20 -3.95
CA ALA A 103 -18.57 1.07 -3.35
C ALA A 103 -19.80 1.83 -2.87
N TYR A 104 -19.74 2.36 -1.65
CA TYR A 104 -20.97 2.89 -1.09
C TYR A 104 -20.68 4.00 -0.09
N THR A 105 -21.72 4.78 0.17
CA THR A 105 -21.74 5.79 1.22
C THR A 105 -23.11 5.76 1.90
N PHE A 106 -23.18 6.46 3.04
CA PHE A 106 -24.40 6.64 3.83
C PHE A 106 -24.64 8.15 3.88
N THR A 107 -25.45 8.69 2.99
CA THR A 107 -25.83 10.11 3.08
C THR A 107 -27.35 10.22 3.18
N THR A 108 -27.79 11.13 4.04
CA THR A 108 -29.20 11.37 4.26
C THR A 108 -29.78 12.17 3.09
N VAL A 109 -31.00 11.80 2.62
CA VAL A 109 -31.63 12.55 1.55
C VAL A 109 -32.42 13.71 2.13
N LYS A 110 -32.35 14.81 1.46
CA LYS A 110 -33.17 15.94 1.83
C LYS A 110 -34.46 15.91 1.02
N PRO A 111 -35.53 16.51 1.55
CA PRO A 111 -36.82 16.49 0.84
C PRO A 111 -36.72 17.06 -0.57
N GLY A 112 -37.51 16.48 -1.48
CA GLY A 112 -37.45 16.81 -2.89
C GLY A 112 -36.52 15.93 -3.69
N ALA A 113 -35.47 15.41 -3.08
CA ALA A 113 -34.53 14.55 -3.77
C ALA A 113 -35.15 13.17 -4.01
N ALA A 114 -34.78 12.58 -5.14
CA ALA A 114 -35.33 11.30 -5.57
C ALA A 114 -34.34 10.17 -5.28
N PHE A 115 -34.88 8.96 -5.09
CA PHE A 115 -34.02 7.80 -4.91
C PHE A 115 -34.76 6.52 -5.28
N SER A 116 -33.99 5.49 -5.61
CA SER A 116 -34.55 4.19 -6.01
C SER A 116 -34.74 3.32 -4.78
N VAL A 117 -35.82 2.54 -4.77
CA VAL A 117 -36.09 1.57 -3.73
C VAL A 117 -36.18 0.18 -4.36
N LEU A 118 -35.56 -0.78 -3.71
CA LEU A 118 -35.69 -2.20 -4.01
C LEU A 118 -36.58 -2.79 -2.91
N ALA A 119 -37.73 -3.33 -3.29
CA ALA A 119 -38.66 -3.89 -2.33
C ALA A 119 -38.37 -5.39 -2.20
N CYS A 120 -38.04 -5.83 -0.98
CA CYS A 120 -37.70 -7.22 -0.68
C CYS A 120 -38.62 -7.77 0.40
N TYR A 121 -38.94 -9.06 0.25
CA TYR A 121 -39.72 -9.82 1.23
C TYR A 121 -38.98 -11.11 1.54
N ASN A 122 -38.68 -11.33 2.82
CA ASN A 122 -37.97 -12.54 3.24
C ASN A 122 -36.59 -12.62 2.58
N GLY A 123 -35.94 -11.48 2.36
CA GLY A 123 -34.65 -11.46 1.73
C GLY A 123 -34.67 -11.55 0.21
N ARG A 124 -35.84 -11.59 -0.41
CA ARG A 124 -35.91 -11.83 -1.84
C ARG A 124 -36.34 -10.55 -2.56
N PRO A 125 -35.50 -9.97 -3.41
CA PRO A 125 -35.88 -8.74 -4.11
C PRO A 125 -37.06 -8.99 -5.03
N THR A 126 -38.05 -8.15 -4.96
CA THR A 126 -39.23 -8.46 -5.72
C THR A 126 -39.63 -7.36 -6.69
N GLY A 127 -39.27 -6.11 -6.43
CA GLY A 127 -39.58 -5.03 -7.34
C GLY A 127 -38.82 -3.77 -7.01
N THR A 128 -38.66 -2.92 -8.02
CA THR A 128 -38.00 -1.64 -7.82
C THR A 128 -38.87 -0.50 -8.35
N PHE A 129 -38.76 0.64 -7.68
CA PHE A 129 -39.48 1.85 -8.02
C PHE A 129 -38.69 3.02 -7.45
N THR A 130 -39.09 4.22 -7.85
CA THR A 130 -38.44 5.45 -7.43
C THR A 130 -39.44 6.28 -6.62
N VAL A 131 -38.94 6.99 -5.62
CA VAL A 131 -39.77 7.90 -4.84
C VAL A 131 -39.02 9.21 -4.69
N VAL A 132 -39.74 10.24 -4.26
CA VAL A 132 -39.09 11.43 -3.72
C VAL A 132 -39.43 11.57 -2.25
N MET A 133 -38.42 11.96 -1.46
CA MET A 133 -38.61 12.25 -0.06
C MET A 133 -39.48 13.48 0.08
N ARG A 134 -40.67 13.32 0.64
CA ARG A 134 -41.56 14.44 0.71
C ARG A 134 -41.05 15.41 1.77
N PRO A 135 -41.47 16.68 1.70
CA PRO A 135 -41.17 17.64 2.77
C PRO A 135 -41.62 17.21 4.16
N ASN A 136 -42.69 16.43 4.29
CA ASN A 136 -43.01 15.88 5.60
C ASN A 136 -42.23 14.59 5.91
N TYR A 137 -41.13 14.34 5.21
CA TYR A 137 -40.22 13.24 5.52
C TYR A 137 -40.93 11.88 5.47
N THR A 138 -41.82 11.73 4.50
CA THR A 138 -42.44 10.45 4.19
C THR A 138 -42.28 10.18 2.70
N ILE A 139 -42.53 8.94 2.28
CA ILE A 139 -42.52 8.61 0.87
C ILE A 139 -43.78 7.85 0.52
N LYS A 140 -44.15 7.95 -0.76
CA LYS A 140 -45.34 7.31 -1.33
C LYS A 140 -44.87 6.10 -2.12
N GLY A 141 -44.69 4.99 -1.43
CA GLY A 141 -44.23 3.80 -2.12
C GLY A 141 -45.25 2.68 -2.18
N SER A 142 -44.76 1.47 -2.43
CA SER A 142 -45.57 0.27 -2.34
C SER A 142 -44.82 -0.65 -1.39
N PHE A 143 -45.28 -0.70 -0.14
CA PHE A 143 -44.67 -1.53 0.89
C PHE A 143 -45.75 -2.36 1.55
N LEU A 144 -45.71 -3.68 1.38
CA LEU A 144 -46.59 -4.58 2.10
C LEU A 144 -45.87 -5.09 3.34
N CYS A 145 -46.60 -5.82 4.17
CA CYS A 145 -46.01 -6.37 5.39
C CYS A 145 -44.88 -7.33 5.01
N GLY A 146 -43.77 -7.24 5.73
CA GLY A 146 -42.58 -7.99 5.41
C GLY A 146 -41.55 -7.24 4.60
N SER A 147 -41.85 -6.01 4.17
CA SER A 147 -40.92 -5.24 3.35
C SER A 147 -39.89 -4.46 4.16
N CYS A 148 -39.97 -4.48 5.48
CA CYS A 148 -39.04 -3.73 6.32
C CYS A 148 -37.62 -4.24 6.12
N GLY A 149 -36.67 -3.31 6.15
CA GLY A 149 -35.31 -3.60 5.78
C GLY A 149 -35.00 -3.37 4.32
N SER A 150 -36.03 -3.27 3.48
CA SER A 150 -35.87 -2.83 2.09
C SER A 150 -35.16 -1.49 2.04
N VAL A 151 -34.33 -1.31 1.02
CA VAL A 151 -33.32 -0.26 0.99
C VAL A 151 -33.61 0.77 -0.11
N GLY A 152 -33.38 2.04 0.20
CA GLY A 152 -33.40 3.10 -0.78
C GLY A 152 -31.98 3.58 -1.05
N TYR A 153 -31.72 4.04 -2.28
CA TYR A 153 -30.36 4.38 -2.64
C TYR A 153 -30.33 5.17 -3.94
N THR A 154 -29.22 5.84 -4.17
CA THR A 154 -28.92 6.39 -5.47
C THR A 154 -27.51 5.96 -5.81
N LYS A 155 -27.20 6.08 -7.09
CA LYS A 155 -25.90 5.73 -7.60
C LYS A 155 -25.31 6.91 -8.36
N GLU A 156 -24.03 7.18 -8.11
CA GLU A 156 -23.29 8.21 -8.84
C GLU A 156 -21.92 7.63 -9.18
N GLY A 157 -21.65 7.50 -10.47
CA GLY A 157 -20.44 6.82 -10.88
C GLY A 157 -20.46 5.39 -10.39
N SER A 158 -19.40 5.00 -9.69
CA SER A 158 -19.26 3.66 -9.14
C SER A 158 -19.84 3.52 -7.72
N VAL A 159 -20.29 4.62 -7.12
CA VAL A 159 -20.63 4.67 -5.71
C VAL A 159 -22.15 4.73 -5.54
N ILE A 160 -22.68 3.76 -4.81
CA ILE A 160 -24.07 3.77 -4.39
C ILE A 160 -24.18 4.54 -3.09
N ASN A 161 -25.13 5.45 -3.03
CA ASN A 161 -25.48 6.09 -1.77
C ASN A 161 -26.73 5.39 -1.22
N PHE A 162 -26.56 4.69 -0.10
CA PHE A 162 -27.70 4.15 0.61
C PHE A 162 -28.27 5.26 1.47
N CYS A 163 -29.57 5.53 1.30
CA CYS A 163 -30.16 6.69 1.97
C CYS A 163 -31.37 6.35 2.84
N TYR A 164 -31.80 5.09 2.89
CA TYR A 164 -33.12 4.75 3.38
C TYR A 164 -33.28 3.26 3.61
N MET A 165 -33.83 2.88 4.76
CA MET A 165 -34.15 1.50 5.09
C MET A 165 -35.53 1.48 5.73
N HIS A 166 -36.41 0.62 5.23
CA HIS A 166 -37.83 0.80 5.43
C HIS A 166 -38.27 0.28 6.79
N GLN A 167 -39.10 1.07 7.47
CA GLN A 167 -39.46 0.70 8.85
C GLN A 167 -40.97 0.60 9.08
N MET A 168 -41.75 1.54 8.58
CA MET A 168 -43.17 1.57 8.95
C MET A 168 -44.10 2.18 7.89
N GLU A 169 -45.38 1.82 7.99
CA GLU A 169 -46.41 2.48 7.16
C GLU A 169 -47.23 3.33 8.13
N LEU A 170 -47.39 4.60 7.84
CA LEU A 170 -48.19 5.50 8.67
C LEU A 170 -49.69 5.28 8.37
N ALA A 171 -50.60 5.93 9.09
CA ALA A 171 -52.07 5.72 8.97
C ALA A 171 -52.57 5.85 7.54
N ASN A 172 -52.09 6.85 6.82
CA ASN A 172 -52.42 6.96 5.40
C ASN A 172 -51.59 5.89 4.72
N GLY A 173 -51.71 5.73 3.42
CA GLY A 173 -50.80 4.77 2.77
C GLY A 173 -49.46 5.40 2.54
N THR A 174 -48.88 5.96 3.58
CA THR A 174 -47.61 6.68 3.46
C THR A 174 -46.56 5.91 4.26
N HIS A 175 -45.33 5.96 3.80
CA HIS A 175 -44.24 5.19 4.40
C HIS A 175 -43.11 6.09 4.89
N THR A 176 -42.28 5.52 5.76
CA THR A 176 -41.12 6.23 6.31
C THR A 176 -40.12 5.24 6.86
N GLY A 177 -38.90 5.72 7.09
CA GLY A 177 -37.87 4.85 7.60
C GLY A 177 -36.67 5.62 8.12
N SER A 178 -35.55 4.92 8.14
CA SER A 178 -34.30 5.45 8.66
C SER A 178 -33.35 5.80 7.52
N ALA A 179 -32.43 6.70 7.84
CA ALA A 179 -31.13 6.82 7.21
C ALA A 179 -30.16 5.85 7.87
N PHE A 180 -29.07 5.57 7.19
CA PHE A 180 -28.09 4.64 7.71
C PHE A 180 -27.19 5.22 8.79
N ASP A 181 -27.49 6.42 9.29
CA ASP A 181 -26.88 6.86 10.55
C ASP A 181 -27.73 6.46 11.74
N GLY A 182 -28.96 5.99 11.51
CA GLY A 182 -29.82 5.45 12.53
C GLY A 182 -31.05 6.28 12.75
N THR A 183 -30.97 7.58 12.45
CA THR A 183 -32.09 8.47 12.64
C THR A 183 -33.23 8.06 11.74
N MET A 184 -34.47 8.32 12.19
CA MET A 184 -35.65 8.12 11.37
C MET A 184 -35.93 9.39 10.59
N TYR A 185 -36.39 9.23 9.35
CA TYR A 185 -36.82 10.41 8.61
C TYR A 185 -38.05 11.01 9.29
N GLY A 186 -38.00 12.31 9.55
CA GLY A 186 -39.10 13.00 10.17
C GLY A 186 -39.13 12.90 11.68
N ALA A 187 -38.10 12.32 12.28
CA ALA A 187 -38.07 12.05 13.71
C ALA A 187 -39.29 11.27 14.16
N PHE A 188 -39.95 10.53 13.27
CA PHE A 188 -40.95 9.58 13.72
C PHE A 188 -40.33 8.59 14.67
N MET A 189 -41.19 7.83 15.34
CA MET A 189 -40.75 6.90 16.37
C MET A 189 -40.95 5.47 15.88
N ASP A 190 -39.95 4.61 16.12
CA ASP A 190 -40.12 3.19 15.85
C ASP A 190 -40.83 2.59 17.06
N LYS A 191 -42.14 2.78 17.08
CA LYS A 191 -43.07 2.21 18.04
C LYS A 191 -44.48 2.34 17.47
N GLN A 192 -45.32 1.32 17.69
CA GLN A 192 -46.67 1.32 17.14
C GLN A 192 -47.55 2.20 18.02
N VAL A 193 -47.56 3.50 17.69
CA VAL A 193 -48.35 4.49 18.38
C VAL A 193 -48.85 5.49 17.35
N HIS A 194 -49.74 6.38 17.77
CA HIS A 194 -50.25 7.41 16.87
C HIS A 194 -49.22 8.52 16.71
N GLN A 195 -48.81 8.79 15.47
CA GLN A 195 -47.92 9.89 15.16
C GLN A 195 -48.52 10.66 13.99
N VAL A 196 -48.74 11.95 14.18
CA VAL A 196 -49.41 12.78 13.19
C VAL A 196 -48.35 13.48 12.34
N GLN A 197 -48.42 13.27 11.03
CA GLN A 197 -47.45 13.87 10.14
C GLN A 197 -47.83 15.31 9.80
N LEU A 198 -46.82 16.15 9.68
CA LEU A 198 -46.99 17.50 9.16
C LEU A 198 -47.52 17.46 7.73
N THR A 199 -47.90 18.63 7.24
CA THR A 199 -48.52 18.70 5.91
C THR A 199 -47.48 18.52 4.81
N ASP A 200 -47.90 17.88 3.73
CA ASP A 200 -47.08 17.79 2.55
C ASP A 200 -47.08 19.13 1.82
N LYS A 201 -45.94 19.45 1.21
CA LYS A 201 -45.81 20.66 0.41
C LYS A 201 -45.35 20.31 -1.00
N TYR A 202 -45.54 21.25 -1.92
CA TYR A 202 -45.01 21.09 -3.25
C TYR A 202 -43.51 21.36 -3.24
N CYS A 203 -42.74 20.48 -3.88
CA CYS A 203 -41.30 20.73 -4.00
C CYS A 203 -41.12 21.70 -5.15
N SER A 204 -41.05 22.99 -4.80
CA SER A 204 -40.99 24.04 -5.80
C SER A 204 -39.95 23.77 -6.88
N VAL A 205 -38.74 23.38 -6.48
CA VAL A 205 -37.68 23.20 -7.46
C VAL A 205 -37.99 22.06 -8.43
N ASN A 206 -38.74 21.05 -8.01
CA ASN A 206 -39.07 19.97 -8.93
C ASN A 206 -40.25 20.35 -9.82
N VAL A 207 -41.12 21.22 -9.33
CA VAL A 207 -42.17 21.76 -10.18
C VAL A 207 -41.56 22.54 -11.34
N VAL A 208 -40.53 23.34 -11.05
CA VAL A 208 -39.86 24.11 -12.09
C VAL A 208 -39.22 23.19 -13.12
N ALA A 209 -38.60 22.09 -12.68
CA ALA A 209 -37.97 21.18 -13.61
C ALA A 209 -39.01 20.57 -14.53
N TRP A 210 -40.14 20.14 -13.97
CA TRP A 210 -41.20 19.58 -14.79
C TRP A 210 -41.72 20.60 -15.80
N LEU A 211 -41.94 21.84 -15.37
CA LEU A 211 -42.30 22.90 -16.32
C LEU A 211 -41.26 23.07 -17.42
N TYR A 212 -39.97 23.08 -17.06
CA TYR A 212 -38.94 23.08 -18.08
C TYR A 212 -39.05 21.85 -18.99
N ALA A 213 -39.37 20.68 -18.42
CA ALA A 213 -39.51 19.49 -19.25
C ALA A 213 -40.66 19.65 -20.25
N ALA A 214 -41.74 20.30 -19.83
CA ALA A 214 -42.81 20.60 -20.79
C ALA A 214 -42.31 21.54 -21.88
N ILE A 215 -41.57 22.59 -21.52
CA ILE A 215 -41.13 23.56 -22.50
C ILE A 215 -40.20 22.89 -23.51
N LEU A 216 -39.28 22.05 -23.05
CA LEU A 216 -38.42 21.35 -23.99
C LEU A 216 -39.21 20.44 -24.93
N ASN A 217 -40.40 20.00 -24.52
CA ASN A 217 -41.22 19.11 -25.33
C ASN A 217 -42.32 19.83 -26.09
N GLY A 218 -42.20 21.15 -26.30
CA GLY A 218 -43.13 21.88 -27.13
C GLY A 218 -44.38 22.39 -26.44
N CYS A 219 -44.57 22.05 -25.17
CA CYS A 219 -45.73 22.50 -24.39
C CYS A 219 -45.29 23.72 -23.58
N ALA A 220 -45.65 24.93 -24.07
CA ALA A 220 -45.21 26.17 -23.42
C ALA A 220 -46.33 27.22 -23.33
N TRP A 221 -47.59 26.79 -23.28
CA TRP A 221 -48.68 27.77 -23.20
C TRP A 221 -48.67 28.53 -21.87
N PHE A 222 -48.11 27.94 -20.82
CA PHE A 222 -48.08 28.54 -19.50
C PHE A 222 -47.00 29.60 -19.36
N VAL A 223 -46.05 29.66 -20.28
CA VAL A 223 -44.98 30.64 -20.18
C VAL A 223 -45.51 31.99 -20.65
N LYS A 224 -45.27 32.98 -19.81
CA LYS A 224 -45.63 34.37 -20.11
C LYS A 224 -44.37 35.22 -19.91
N PRO A 225 -44.31 36.48 -20.37
CA PRO A 225 -43.20 37.39 -20.08
C PRO A 225 -43.00 37.76 -18.61
N ASN A 226 -44.10 37.79 -17.86
CA ASN A 226 -44.09 38.21 -16.44
C ASN A 226 -43.18 37.33 -15.58
N ARG A 227 -42.71 37.92 -14.51
CA ARG A 227 -41.74 37.22 -13.65
C ARG A 227 -42.03 37.40 -12.16
N THR A 228 -41.57 36.47 -11.32
CA THR A 228 -41.63 36.55 -9.87
C THR A 228 -40.24 36.26 -9.33
N SER A 229 -39.69 37.18 -8.54
CA SER A 229 -38.36 36.95 -7.97
C SER A 229 -38.38 35.74 -7.02
N VAL A 230 -37.21 35.11 -6.90
CA VAL A 230 -36.99 34.03 -5.91
C VAL A 230 -37.50 34.46 -4.54
N VAL A 231 -37.24 35.73 -4.18
CA VAL A 231 -37.59 36.21 -2.84
C VAL A 231 -39.10 36.39 -2.72
N SER A 232 -39.75 36.92 -3.76
CA SER A 232 -41.20 37.01 -3.71
C SER A 232 -41.81 35.62 -3.70
N PHE A 233 -41.30 34.73 -4.56
CA PHE A 233 -41.83 33.37 -4.60
C PHE A 233 -41.67 32.68 -3.25
N ASN A 234 -40.52 32.87 -2.59
CA ASN A 234 -40.31 32.18 -1.33
C ASN A 234 -41.18 32.75 -0.23
N GLU A 235 -41.59 34.02 -0.34
CA GLU A 235 -42.57 34.56 0.59
C GLU A 235 -43.96 33.99 0.31
N TRP A 236 -44.37 33.99 -0.95
CA TRP A 236 -45.66 33.39 -1.33
C TRP A 236 -45.69 31.90 -0.99
N ALA A 237 -44.55 31.20 -1.14
CA ALA A 237 -44.52 29.75 -0.92
C ALA A 237 -44.78 29.41 0.55
N LEU A 238 -44.27 30.22 1.46
CA LEU A 238 -44.52 30.01 2.89
C LEU A 238 -46.01 29.98 3.20
N ALA A 239 -46.80 30.72 2.44
CA ALA A 239 -48.22 30.87 2.71
C ALA A 239 -49.09 30.06 1.75
N ASN A 240 -48.50 29.10 1.01
CA ASN A 240 -49.25 28.33 0.01
C ASN A 240 -48.83 26.86 -0.10
N GLN A 241 -48.17 26.29 0.92
CA GLN A 241 -47.82 24.86 0.90
C GLN A 241 -46.76 24.54 -0.17
N PHE A 242 -45.77 25.42 -0.31
CA PHE A 242 -44.68 25.19 -1.25
C PHE A 242 -43.37 25.30 -0.47
N THR A 243 -42.42 24.42 -0.81
CA THR A 243 -41.06 24.51 -0.28
C THR A 243 -40.36 25.74 -0.83
N GLU A 244 -39.43 26.28 -0.05
CA GLU A 244 -38.57 27.34 -0.53
C GLU A 244 -37.74 26.86 -1.74
N PHE A 245 -37.61 27.74 -2.74
CA PHE A 245 -36.89 27.40 -3.98
C PHE A 245 -35.44 27.86 -3.88
N VAL A 246 -34.51 26.91 -3.94
CA VAL A 246 -33.08 27.18 -4.05
C VAL A 246 -32.63 26.74 -5.44
N GLY A 247 -32.08 27.66 -6.21
CA GLY A 247 -31.61 27.31 -7.53
C GLY A 247 -30.35 26.47 -7.47
N THR A 248 -30.18 25.62 -8.49
CA THR A 248 -28.99 24.80 -8.66
C THR A 248 -28.53 24.88 -10.11
N GLN A 249 -27.31 24.35 -10.34
CA GLN A 249 -26.72 24.39 -11.68
C GLN A 249 -27.45 23.50 -12.66
N SER A 250 -28.23 22.55 -12.16
CA SER A 250 -29.08 21.74 -13.03
C SER A 250 -30.27 22.55 -13.52
N VAL A 251 -30.83 23.41 -12.67
CA VAL A 251 -31.91 24.30 -13.09
C VAL A 251 -31.37 25.32 -14.08
N ASP A 252 -30.25 25.99 -13.71
CA ASP A 252 -29.62 26.97 -14.58
C ASP A 252 -29.43 26.42 -15.98
N MET A 253 -29.04 25.13 -16.08
CA MET A 253 -28.84 24.48 -17.37
C MET A 253 -30.13 24.45 -18.18
N LEU A 254 -31.23 24.13 -17.52
CA LEU A 254 -32.52 24.12 -18.21
C LEU A 254 -32.94 25.52 -18.62
N ALA A 255 -32.78 26.50 -17.72
CA ALA A 255 -32.97 27.90 -18.09
C ALA A 255 -32.21 28.24 -19.36
N VAL A 256 -30.97 27.77 -19.49
CA VAL A 256 -30.15 28.12 -20.65
C VAL A 256 -30.64 27.39 -21.91
N LYS A 257 -30.82 26.08 -21.83
CA LYS A 257 -31.24 25.31 -23.00
C LYS A 257 -32.61 25.73 -23.53
N THR A 258 -33.34 26.56 -22.80
CA THR A 258 -34.73 26.83 -23.12
C THR A 258 -35.02 28.32 -23.38
N GLY A 259 -34.18 29.23 -22.89
CA GLY A 259 -34.47 30.65 -23.02
C GLY A 259 -35.48 31.19 -22.03
N VAL A 260 -36.11 30.34 -21.21
CA VAL A 260 -37.10 30.77 -20.24
C VAL A 260 -36.44 30.83 -18.86
N ALA A 261 -36.56 31.99 -18.23
CA ALA A 261 -35.95 32.21 -16.93
C ALA A 261 -36.70 31.47 -15.83
N ILE A 262 -35.95 31.14 -14.76
CA ILE A 262 -36.54 30.55 -13.57
C ILE A 262 -37.69 31.41 -13.07
N GLU A 263 -37.54 32.74 -13.13
CA GLU A 263 -38.54 33.64 -12.59
C GLU A 263 -39.85 33.60 -13.37
N GLN A 264 -39.79 33.33 -14.68
CA GLN A 264 -41.02 33.16 -15.46
C GLN A 264 -41.79 31.94 -14.97
N LEU A 265 -41.09 30.86 -14.62
CA LEU A 265 -41.78 29.67 -14.13
C LEU A 265 -42.25 29.86 -12.70
N LEU A 266 -41.53 30.66 -11.92
CA LEU A 266 -42.03 30.98 -10.60
C LEU A 266 -43.36 31.72 -10.67
N TYR A 267 -43.48 32.65 -11.62
CA TYR A 267 -44.76 33.30 -11.82
C TYR A 267 -45.78 32.33 -12.38
N ALA A 268 -45.37 31.52 -13.37
CA ALA A 268 -46.25 30.49 -13.92
C ALA A 268 -46.84 29.60 -12.83
N ILE A 269 -46.01 29.17 -11.89
CA ILE A 269 -46.46 28.28 -10.82
C ILE A 269 -47.55 28.93 -9.97
N GLN A 270 -47.39 30.22 -9.67
CA GLN A 270 -48.40 30.92 -8.90
C GLN A 270 -49.75 30.93 -9.62
N GLN A 271 -49.72 31.06 -10.95
CA GLN A 271 -50.95 30.98 -11.73
C GLN A 271 -51.49 29.56 -11.76
N LEU A 272 -50.65 28.59 -12.13
CA LEU A 272 -51.12 27.22 -12.32
C LEU A 272 -51.61 26.60 -11.01
N TYR A 273 -51.06 27.04 -9.88
CA TYR A 273 -51.52 26.52 -8.60
C TYR A 273 -53.02 26.75 -8.41
N THR A 274 -53.54 27.88 -8.93
CA THR A 274 -54.96 28.16 -8.79
C THR A 274 -55.80 27.21 -9.66
N GLY A 275 -55.39 27.01 -10.90
CA GLY A 275 -56.08 26.10 -11.78
C GLY A 275 -55.47 26.20 -13.17
N PHE A 276 -55.67 25.14 -13.94
CA PHE A 276 -55.10 25.06 -15.28
C PHE A 276 -56.01 25.63 -16.37
N GLN A 277 -57.15 26.23 -16.01
CA GLN A 277 -58.06 26.80 -17.00
C GLN A 277 -58.60 25.76 -17.99
N GLY A 278 -58.51 24.47 -17.63
CA GLY A 278 -58.94 23.37 -18.48
C GLY A 278 -57.90 22.79 -19.43
N LYS A 279 -56.71 23.37 -19.49
CA LYS A 279 -55.65 22.85 -20.34
C LYS A 279 -54.80 21.85 -19.54
N GLN A 280 -53.91 21.17 -20.25
CA GLN A 280 -53.04 20.16 -19.67
C GLN A 280 -51.59 20.56 -19.88
N ILE A 281 -50.69 19.97 -19.09
CA ILE A 281 -49.25 20.15 -19.26
C ILE A 281 -48.61 18.77 -19.15
N LEU A 282 -48.06 18.26 -20.25
CA LEU A 282 -47.46 16.94 -20.29
C LEU A 282 -48.44 15.88 -19.78
N GLY A 283 -49.71 16.03 -20.17
CA GLY A 283 -50.75 15.09 -19.80
C GLY A 283 -51.24 15.20 -18.37
N SER A 284 -51.04 16.34 -17.72
CA SER A 284 -51.47 16.50 -16.35
C SER A 284 -52.33 17.75 -16.25
N THR A 285 -53.35 17.71 -15.39
CA THR A 285 -54.12 18.88 -15.01
C THR A 285 -53.73 19.35 -13.61
N MET A 286 -52.57 18.94 -13.13
CA MET A 286 -52.06 19.32 -11.83
C MET A 286 -50.56 19.52 -11.92
N LEU A 287 -50.00 20.16 -10.90
CA LEU A 287 -48.56 20.35 -10.88
C LEU A 287 -47.87 19.06 -10.46
N GLU A 288 -46.62 18.91 -10.88
CA GLU A 288 -45.88 17.65 -10.78
C GLU A 288 -44.55 17.94 -10.09
N ASP A 289 -44.37 17.42 -8.88
CA ASP A 289 -43.14 17.71 -8.15
C ASP A 289 -42.31 16.45 -7.88
N GLU A 290 -42.47 15.41 -8.69
CA GLU A 290 -41.83 14.11 -8.48
C GLU A 290 -40.69 13.82 -9.44
N PHE A 291 -40.36 14.74 -10.35
CA PHE A 291 -39.16 14.71 -11.18
C PHE A 291 -38.22 15.84 -10.76
N THR A 292 -36.92 15.56 -10.65
CA THR A 292 -35.98 16.58 -10.19
C THR A 292 -35.33 17.28 -11.38
N PRO A 293 -34.67 18.43 -11.17
CA PRO A 293 -33.83 18.99 -12.26
C PRO A 293 -32.87 17.97 -12.84
N GLU A 294 -32.26 17.12 -11.99
CA GLU A 294 -31.33 16.09 -12.49
C GLU A 294 -32.07 15.06 -13.32
N ASP A 295 -33.30 14.69 -12.93
CA ASP A 295 -34.10 13.78 -13.74
C ASP A 295 -34.36 14.37 -15.12
N VAL A 296 -34.79 15.62 -15.15
CA VAL A 296 -35.15 16.22 -16.42
C VAL A 296 -33.91 16.35 -17.29
N ASN A 297 -32.79 16.75 -16.70
CA ASN A 297 -31.57 16.94 -17.48
C ASN A 297 -31.07 15.63 -18.10
N MET A 298 -31.21 14.52 -17.37
CA MET A 298 -30.69 13.24 -17.82
C MET A 298 -31.61 12.57 -18.84
N GLN A 299 -32.93 12.71 -18.68
CA GLN A 299 -33.86 11.98 -19.55
C GLN A 299 -34.22 12.73 -20.83
N ILE A 300 -34.20 14.06 -20.82
CA ILE A 300 -34.30 14.90 -22.01
C ILE A 300 -32.95 15.59 -22.17
N MET A 301 -32.21 15.23 -23.20
CA MET A 301 -30.80 15.67 -23.26
C MET A 301 -30.30 15.78 -24.71
N SER B 1 3.67 6.55 14.04
CA SER B 1 3.42 6.37 15.46
C SER B 1 2.96 4.93 15.75
N GLY B 2 3.37 4.42 16.92
CA GLY B 2 2.95 3.11 17.38
C GLY B 2 3.60 1.90 16.72
N LEU B 3 4.15 2.09 15.52
CA LEU B 3 4.88 1.04 14.80
C LEU B 3 6.37 1.29 14.95
N VAL B 4 7.08 0.27 15.42
CA VAL B 4 8.52 0.22 15.34
C VAL B 4 8.89 -1.13 14.73
N LYS B 5 10.11 -1.19 14.23
CA LYS B 5 10.71 -2.41 13.73
C LYS B 5 11.03 -3.28 14.94
N MET B 6 10.12 -4.20 15.27
CA MET B 6 10.31 -5.06 16.42
C MET B 6 10.81 -6.41 15.98
N SER B 7 11.89 -6.85 16.60
CA SER B 7 12.36 -8.20 16.34
C SER B 7 12.19 -9.00 17.62
N HIS B 8 12.39 -10.33 17.50
CA HIS B 8 12.27 -11.20 18.66
C HIS B 8 13.46 -11.02 19.60
N PRO B 9 13.33 -11.41 20.86
CA PRO B 9 14.52 -11.40 21.74
C PRO B 9 15.52 -12.44 21.26
N SER B 10 16.78 -12.04 21.21
CA SER B 10 17.80 -12.87 20.57
C SER B 10 18.52 -13.83 21.53
N GLY B 11 18.31 -13.72 22.85
CA GLY B 11 19.03 -14.58 23.78
C GLY B 11 19.05 -16.05 23.36
N ASP B 12 17.89 -16.59 23.00
CA ASP B 12 17.79 -17.97 22.50
C ASP B 12 18.79 -18.27 21.39
N VAL B 13 18.93 -17.33 20.45
CA VAL B 13 19.78 -17.58 19.30
C VAL B 13 21.22 -17.27 19.63
N GLU B 14 21.45 -16.34 20.52
CA GLU B 14 22.83 -15.93 20.85
C GLU B 14 23.61 -17.11 21.42
N ALA B 15 22.94 -18.02 22.10
CA ALA B 15 23.59 -19.16 22.78
C ALA B 15 23.74 -20.34 21.83
N CYS B 16 23.69 -20.07 20.53
CA CYS B 16 23.87 -21.10 19.48
C CYS B 16 24.98 -20.65 18.52
N MET B 17 25.41 -19.38 18.54
CA MET B 17 26.41 -18.88 17.61
C MET B 17 27.82 -19.37 17.98
N VAL B 18 28.54 -19.88 16.99
CA VAL B 18 29.93 -20.31 17.12
C VAL B 18 30.69 -19.67 15.96
N GLN B 19 32.01 -19.86 15.98
CA GLN B 19 32.85 -19.49 14.85
C GLN B 19 33.37 -20.76 14.22
N VAL B 20 33.31 -20.82 12.89
CA VAL B 20 33.78 -21.95 12.11
C VAL B 20 35.01 -21.48 11.35
N THR B 21 36.10 -22.21 11.47
CA THR B 21 37.25 -21.92 10.64
C THR B 21 37.58 -23.14 9.78
N CYS B 22 37.99 -22.86 8.56
CA CYS B 22 38.49 -23.87 7.64
C CYS B 22 39.58 -23.18 6.84
N GLY B 23 40.79 -23.70 6.92
CA GLY B 23 41.89 -23.12 6.18
C GLY B 23 42.14 -21.71 6.63
N SER B 24 42.01 -20.78 5.69
CA SER B 24 42.17 -19.36 5.95
C SER B 24 40.83 -18.63 6.08
N MET B 25 39.73 -19.37 6.16
CA MET B 25 38.38 -18.80 6.12
C MET B 25 37.69 -18.99 7.46
N THR B 26 37.09 -17.91 7.96
CA THR B 26 36.31 -17.96 9.19
C THR B 26 35.02 -17.17 9.00
N LEU B 27 33.99 -17.61 9.72
CA LEU B 27 32.66 -17.04 9.68
C LEU B 27 31.89 -17.63 10.86
N ASN B 28 30.57 -17.44 10.87
CA ASN B 28 29.69 -17.80 11.98
C ASN B 28 29.02 -19.14 11.73
N GLY B 29 28.68 -19.85 12.82
CA GLY B 29 27.93 -21.08 12.72
C GLY B 29 26.76 -21.10 13.68
N LEU B 30 25.81 -22.01 13.40
CA LEU B 30 24.65 -22.27 14.26
C LEU B 30 24.76 -23.68 14.87
N TRP B 31 25.10 -23.76 16.13
CA TRP B 31 25.22 -25.01 16.85
C TRP B 31 23.87 -25.37 17.47
N LEU B 32 23.23 -26.43 16.96
CA LEU B 32 21.98 -26.94 17.50
C LEU B 32 22.12 -28.44 17.76
N ASP B 33 21.86 -28.87 19.00
CA ASP B 33 22.20 -30.20 19.48
C ASP B 33 23.61 -30.56 18.99
N ASN B 34 23.79 -31.68 18.28
CA ASN B 34 25.14 -32.10 17.87
C ASN B 34 25.53 -31.57 16.49
N THR B 35 24.83 -30.56 15.97
CA THR B 35 25.06 -30.07 14.63
C THR B 35 25.47 -28.62 14.66
N VAL B 36 26.45 -28.28 13.82
CA VAL B 36 26.82 -26.91 13.53
C VAL B 36 26.62 -26.68 12.04
N TRP B 37 25.75 -25.75 11.70
CA TRP B 37 25.51 -25.34 10.32
C TRP B 37 26.35 -24.11 9.99
N CYS B 38 26.80 -24.03 8.76
CA CYS B 38 27.57 -22.88 8.34
C CYS B 38 27.58 -22.86 6.82
N PRO B 39 27.78 -21.70 6.20
CA PRO B 39 27.81 -21.65 4.73
C PRO B 39 28.99 -22.45 4.21
N ARG B 40 28.78 -23.17 3.11
CA ARG B 40 29.80 -24.10 2.53
C ARG B 40 31.03 -23.41 1.91
N HIS B 41 31.01 -22.11 1.80
CA HIS B 41 32.12 -21.36 1.18
C HIS B 41 33.26 -21.24 2.18
N VAL B 42 33.12 -21.81 3.37
CA VAL B 42 34.26 -21.86 4.33
C VAL B 42 35.39 -22.68 3.68
N MET B 43 35.06 -23.72 2.93
CA MET B 43 36.06 -24.64 2.33
C MET B 43 36.65 -24.08 1.04
N CYS B 44 36.36 -22.84 0.68
CA CYS B 44 36.85 -22.37 -0.60
C CYS B 44 38.11 -21.55 -0.41
N PRO B 45 39.16 -21.82 -1.17
CA PRO B 45 40.37 -21.00 -1.09
C PRO B 45 40.12 -19.61 -1.66
N ALA B 46 41.11 -18.73 -1.43
CA ALA B 46 40.91 -17.30 -1.70
C ALA B 46 40.78 -17.01 -3.18
N ASP B 47 41.57 -17.67 -4.01
CA ASP B 47 41.58 -17.43 -5.45
C ASP B 47 40.72 -18.43 -6.21
N GLN B 48 39.83 -19.13 -5.52
CA GLN B 48 38.89 -20.04 -6.16
C GLN B 48 37.45 -19.55 -6.06
N LEU B 49 37.25 -18.32 -5.54
CA LEU B 49 35.90 -17.81 -5.32
C LEU B 49 35.11 -17.68 -6.61
N SER B 50 35.81 -17.55 -7.75
CA SER B 50 35.14 -17.24 -9.02
C SER B 50 34.26 -18.39 -9.51
N ASP B 51 34.69 -19.63 -9.30
CA ASP B 51 33.91 -20.81 -9.68
C ASP B 51 34.35 -21.97 -8.82
N PRO B 52 33.83 -22.05 -7.60
CA PRO B 52 34.22 -23.14 -6.70
C PRO B 52 33.59 -24.47 -7.11
N ASN B 53 34.27 -25.55 -6.75
CA ASN B 53 33.79 -26.92 -7.00
C ASN B 53 33.64 -27.59 -5.63
N TYR B 54 32.47 -27.40 -5.02
CA TYR B 54 32.29 -27.79 -3.64
C TYR B 54 32.29 -29.31 -3.44
N ASP B 55 31.99 -30.08 -4.49
CA ASP B 55 32.07 -31.53 -4.38
C ASP B 55 33.51 -31.97 -4.15
N ALA B 56 34.46 -31.38 -4.89
CA ALA B 56 35.86 -31.72 -4.72
C ALA B 56 36.38 -31.22 -3.38
N LEU B 57 36.04 -29.99 -3.00
CA LEU B 57 36.49 -29.46 -1.72
C LEU B 57 36.00 -30.34 -0.57
N LEU B 58 34.78 -30.87 -0.68
CA LEU B 58 34.24 -31.72 0.40
C LEU B 58 35.01 -33.02 0.51
N ILE B 59 35.27 -33.71 -0.62
CA ILE B 59 36.06 -34.93 -0.55
C ILE B 59 37.47 -34.62 -0.04
N SER B 60 37.96 -33.40 -0.32
CA SER B 60 39.29 -32.94 0.06
C SER B 60 39.39 -32.56 1.53
N MET B 61 38.31 -32.63 2.29
CA MET B 61 38.31 -32.26 3.70
C MET B 61 38.39 -33.50 4.58
N THR B 62 39.03 -33.35 5.73
CA THR B 62 38.91 -34.30 6.82
C THR B 62 38.16 -33.63 7.96
N ASN B 63 37.72 -34.46 8.92
CA ASN B 63 37.13 -33.91 10.13
C ASN B 63 38.06 -32.87 10.76
N HIS B 64 39.36 -33.17 10.81
CA HIS B 64 40.32 -32.20 11.36
C HIS B 64 40.43 -30.92 10.54
N SER B 65 39.77 -30.83 9.38
CA SER B 65 39.84 -29.60 8.60
C SER B 65 39.08 -28.44 9.26
N PHE B 66 38.15 -28.74 10.18
CA PHE B 66 37.19 -27.76 10.66
C PHE B 66 37.45 -27.45 12.13
N SER B 67 37.66 -26.18 12.44
CA SER B 67 37.77 -25.68 13.81
C SER B 67 36.51 -24.90 14.18
N VAL B 68 35.92 -25.25 15.33
CA VAL B 68 34.67 -24.66 15.82
C VAL B 68 34.90 -24.14 17.22
N GLN B 69 34.78 -22.82 17.41
CA GLN B 69 35.00 -22.19 18.70
C GLN B 69 33.73 -21.53 19.21
N LYS B 70 33.33 -21.86 20.43
CA LYS B 70 32.22 -21.17 21.10
C LYS B 70 32.78 -20.06 21.98
N HIS B 71 32.58 -18.81 21.55
CA HIS B 71 33.13 -17.66 22.25
C HIS B 71 32.24 -17.18 23.39
N ILE B 72 30.99 -16.85 23.09
CA ILE B 72 30.10 -16.18 24.04
C ILE B 72 29.47 -17.19 25.01
N GLY B 73 28.89 -16.66 26.09
CA GLY B 73 28.35 -17.53 27.11
C GLY B 73 29.44 -18.33 27.78
N ALA B 74 29.15 -19.60 28.12
CA ALA B 74 30.16 -20.47 28.72
C ALA B 74 31.09 -21.00 27.65
N PRO B 75 32.27 -20.40 27.47
CA PRO B 75 33.08 -20.74 26.29
C PRO B 75 33.47 -22.20 26.29
N ALA B 76 33.57 -22.76 25.08
CA ALA B 76 33.92 -24.17 24.94
C ALA B 76 34.55 -24.38 23.58
N ASN B 77 35.33 -25.44 23.48
CA ASN B 77 35.88 -25.90 22.21
C ASN B 77 35.19 -27.20 21.84
N LEU B 78 34.88 -27.36 20.57
CA LEU B 78 34.06 -28.44 20.06
C LEU B 78 34.85 -29.22 19.02
N ARG B 79 34.76 -30.54 19.12
CA ARG B 79 35.46 -31.46 18.21
C ARG B 79 34.49 -31.84 17.09
N VAL B 80 34.80 -31.45 15.86
CA VAL B 80 33.99 -31.93 14.75
C VAL B 80 34.30 -33.40 14.53
N VAL B 81 33.26 -34.22 14.50
CA VAL B 81 33.37 -35.66 14.42
C VAL B 81 32.68 -36.20 13.15
N GLY B 82 32.50 -35.34 12.15
CA GLY B 82 31.86 -35.73 10.91
C GLY B 82 31.36 -34.54 10.11
N HIS B 83 31.48 -34.59 8.80
CA HIS B 83 31.05 -33.48 7.96
C HIS B 83 30.21 -33.98 6.79
N ALA B 84 29.33 -33.09 6.32
CA ALA B 84 28.39 -33.39 5.24
C ALA B 84 28.00 -32.07 4.60
N MET B 85 27.52 -32.15 3.35
CA MET B 85 27.09 -30.97 2.62
C MET B 85 25.60 -31.06 2.30
N GLN B 86 24.90 -29.94 2.49
CA GLN B 86 23.48 -29.85 2.20
C GLN B 86 23.23 -28.57 1.44
N GLY B 87 22.95 -28.70 0.15
CA GLY B 87 22.75 -27.55 -0.71
C GLY B 87 23.93 -26.63 -0.61
N THR B 88 23.72 -25.45 -0.05
CA THR B 88 24.80 -24.50 0.13
C THR B 88 25.30 -24.49 1.56
N LEU B 89 24.89 -25.45 2.38
CA LEU B 89 25.20 -25.47 3.80
C LEU B 89 26.04 -26.67 4.20
N LEU B 90 27.00 -26.46 5.10
CA LEU B 90 27.71 -27.55 5.73
C LEU B 90 26.97 -27.99 6.98
N LYS B 91 26.81 -29.29 7.14
CA LYS B 91 26.19 -29.90 8.31
C LYS B 91 27.30 -30.60 9.10
N LEU B 92 27.83 -29.92 10.12
CA LEU B 92 28.91 -30.46 10.92
C LEU B 92 28.36 -31.21 12.12
N THR B 93 28.99 -32.33 12.46
CA THR B 93 28.63 -33.10 13.65
C THR B 93 29.69 -32.88 14.73
N VAL B 94 29.25 -32.62 15.95
CA VAL B 94 30.14 -32.33 17.07
C VAL B 94 29.76 -33.23 18.23
N ASP B 95 30.69 -33.34 19.20
CA ASP B 95 30.63 -34.38 20.23
C ASP B 95 29.72 -34.00 21.40
N VAL B 96 29.49 -32.71 21.62
CA VAL B 96 28.64 -32.25 22.70
C VAL B 96 27.38 -31.65 22.09
N ALA B 97 26.22 -32.11 22.58
CA ALA B 97 24.96 -31.44 22.31
C ALA B 97 24.93 -30.08 23.01
N ASN B 98 24.50 -29.05 22.27
CA ASN B 98 24.43 -27.71 22.83
C ASN B 98 23.46 -27.69 24.00
N PRO B 99 23.94 -27.42 25.22
CA PRO B 99 23.02 -27.40 26.37
C PRO B 99 21.93 -26.35 26.26
N SER B 100 22.10 -25.37 25.36
CA SER B 100 21.19 -24.22 25.23
C SER B 100 20.33 -24.29 23.97
N THR B 101 20.16 -25.48 23.38
CA THR B 101 19.41 -25.60 22.12
C THR B 101 17.93 -25.33 22.34
N PRO B 102 17.36 -24.34 21.68
CA PRO B 102 15.94 -24.07 21.84
C PRO B 102 15.13 -25.10 21.06
N ALA B 103 13.83 -25.13 21.34
CA ALA B 103 12.92 -25.79 20.41
C ALA B 103 13.05 -25.13 19.05
N TYR B 104 12.98 -25.92 17.97
CA TYR B 104 13.26 -25.31 16.68
C TYR B 104 12.74 -26.16 15.53
N THR B 105 12.59 -25.48 14.40
CA THR B 105 12.22 -26.01 13.09
C THR B 105 12.96 -25.22 12.02
N PHE B 106 12.98 -25.78 10.81
CA PHE B 106 13.55 -25.14 9.63
C PHE B 106 12.41 -24.97 8.61
N THR B 107 11.92 -23.75 8.43
CA THR B 107 10.96 -23.50 7.36
C THR B 107 11.37 -22.26 6.57
N THR B 108 10.96 -22.23 5.32
CA THR B 108 11.38 -21.21 4.36
C THR B 108 10.39 -20.06 4.37
N VAL B 109 10.92 -18.80 4.37
CA VAL B 109 10.06 -17.61 4.37
C VAL B 109 9.66 -17.26 2.95
N LYS B 110 8.41 -16.95 2.80
CA LYS B 110 7.81 -16.42 1.58
C LYS B 110 8.05 -14.91 1.51
N PRO B 111 8.10 -14.35 0.29
CA PRO B 111 8.31 -12.91 0.17
C PRO B 111 7.22 -12.10 0.86
N GLY B 112 7.62 -11.00 1.49
CA GLY B 112 6.72 -10.24 2.33
C GLY B 112 6.70 -10.65 3.78
N ALA B 113 7.10 -11.88 4.11
CA ALA B 113 7.12 -12.31 5.50
C ALA B 113 8.33 -11.72 6.22
N ALA B 114 8.15 -11.36 7.48
CA ALA B 114 9.25 -10.74 8.19
C ALA B 114 9.92 -11.75 9.12
N PHE B 115 11.17 -11.44 9.48
CA PHE B 115 11.89 -12.26 10.44
C PHE B 115 13.02 -11.44 11.06
N SER B 116 13.57 -11.99 12.14
CA SER B 116 14.64 -11.34 12.88
C SER B 116 15.98 -11.87 12.43
N VAL B 117 16.97 -10.99 12.42
CA VAL B 117 18.33 -11.36 12.08
C VAL B 117 19.23 -11.05 13.27
N LEU B 118 20.04 -12.01 13.66
CA LEU B 118 21.12 -11.77 14.63
C LEU B 118 22.43 -11.59 13.87
N ALA B 119 22.84 -10.33 13.71
CA ALA B 119 24.11 -10.04 13.05
C ALA B 119 25.27 -10.45 13.96
N CYS B 120 26.18 -11.27 13.43
CA CYS B 120 27.31 -11.80 14.20
C CYS B 120 28.60 -11.65 13.43
N TYR B 121 29.71 -11.59 14.16
CA TYR B 121 31.04 -11.49 13.58
C TYR B 121 31.96 -12.30 14.46
N ASN B 122 32.72 -13.22 13.85
CA ASN B 122 33.63 -14.09 14.59
C ASN B 122 32.95 -14.77 15.77
N GLY B 123 31.74 -15.27 15.54
CA GLY B 123 31.04 -16.02 16.57
C GLY B 123 30.46 -15.19 17.70
N ARG B 124 30.53 -13.85 17.63
CA ARG B 124 30.00 -13.01 18.69
C ARG B 124 28.83 -12.21 18.18
N PRO B 125 27.64 -12.34 18.76
CA PRO B 125 26.50 -11.55 18.28
C PRO B 125 26.73 -10.07 18.55
N THR B 126 26.50 -9.27 17.53
CA THR B 126 26.79 -7.85 17.60
C THR B 126 25.57 -6.99 17.43
N GLY B 127 24.55 -7.46 16.72
CA GLY B 127 23.37 -6.65 16.55
C GLY B 127 22.21 -7.47 16.03
N THR B 128 21.01 -6.94 16.24
CA THR B 128 19.80 -7.58 15.77
C THR B 128 18.91 -6.53 15.11
N PHE B 129 18.14 -6.98 14.13
CA PHE B 129 17.24 -6.13 13.35
C PHE B 129 16.26 -7.04 12.63
N THR B 130 15.15 -6.45 12.16
CA THR B 130 14.19 -7.19 11.36
C THR B 130 14.27 -6.75 9.90
N VAL B 131 13.85 -7.65 9.01
CA VAL B 131 13.80 -7.37 7.58
C VAL B 131 12.59 -8.10 7.06
N VAL B 132 12.20 -7.76 5.84
CA VAL B 132 11.23 -8.57 5.10
C VAL B 132 11.94 -9.24 3.92
N MET B 133 11.57 -10.50 3.68
CA MET B 133 12.04 -11.21 2.49
C MET B 133 11.43 -10.50 1.28
N ARG B 134 12.25 -9.77 0.54
CA ARG B 134 11.74 -8.97 -0.57
C ARG B 134 11.23 -9.88 -1.69
N PRO B 135 10.27 -9.37 -2.48
CA PRO B 135 9.81 -10.09 -3.70
C PRO B 135 10.93 -10.60 -4.59
N ASN B 136 12.01 -9.86 -4.74
CA ASN B 136 13.09 -10.44 -5.52
C ASN B 136 13.97 -11.37 -4.70
N TYR B 137 13.48 -11.87 -3.56
CA TYR B 137 14.21 -12.87 -2.76
C TYR B 137 15.56 -12.34 -2.29
N THR B 138 15.66 -11.05 -2.03
CA THR B 138 16.77 -10.51 -1.26
C THR B 138 16.22 -9.84 0.01
N ILE B 139 17.13 -9.42 0.89
CA ILE B 139 16.74 -8.62 2.05
C ILE B 139 17.61 -7.37 2.11
N LYS B 140 17.04 -6.31 2.67
CA LYS B 140 17.71 -5.03 2.91
C LYS B 140 18.23 -5.07 4.34
N GLY B 141 19.45 -5.58 4.51
CA GLY B 141 20.00 -5.65 5.84
C GLY B 141 21.25 -4.82 6.06
N SER B 142 21.96 -5.09 7.14
CA SER B 142 23.21 -4.40 7.47
C SER B 142 24.23 -5.48 7.75
N PHE B 143 24.89 -5.91 6.69
CA PHE B 143 25.86 -6.99 6.79
C PHE B 143 27.19 -6.45 6.34
N LEU B 144 28.22 -6.78 7.07
CA LEU B 144 29.57 -6.32 6.74
C LEU B 144 30.45 -7.55 6.67
N CYS B 145 31.71 -7.37 6.26
CA CYS B 145 32.73 -8.45 6.21
C CYS B 145 32.72 -9.31 7.47
N GLY B 146 32.62 -10.62 7.29
CA GLY B 146 32.55 -11.52 8.40
C GLY B 146 31.17 -11.83 8.92
N SER B 147 30.11 -11.29 8.31
CA SER B 147 28.76 -11.55 8.81
C SER B 147 28.17 -12.86 8.30
N CYS B 148 28.80 -13.50 7.31
CA CYS B 148 28.29 -14.77 6.82
C CYS B 148 28.16 -15.78 7.94
N GLY B 149 27.09 -16.57 7.88
CA GLY B 149 26.71 -17.45 8.94
C GLY B 149 25.72 -16.84 9.91
N SER B 150 25.45 -15.53 9.79
CA SER B 150 24.43 -14.87 10.60
C SER B 150 23.06 -15.47 10.30
N VAL B 151 22.16 -15.40 11.27
CA VAL B 151 21.03 -16.30 11.30
C VAL B 151 19.72 -15.51 11.35
N GLY B 152 18.80 -15.88 10.47
CA GLY B 152 17.47 -15.29 10.42
C GLY B 152 16.44 -16.25 11.00
N TYR B 153 15.50 -15.68 11.76
CA TYR B 153 14.53 -16.55 12.41
C TYR B 153 13.26 -15.79 12.77
N THR B 154 12.19 -16.55 13.01
CA THR B 154 11.03 -16.07 13.76
C THR B 154 10.81 -17.02 14.94
N LYS B 155 9.94 -16.60 15.87
CA LYS B 155 9.59 -17.40 17.03
C LYS B 155 8.08 -17.53 17.09
N GLU B 156 7.61 -18.76 17.33
CA GLU B 156 6.19 -19.05 17.51
C GLU B 156 6.02 -19.81 18.81
N GLY B 157 5.58 -19.11 19.87
CA GLY B 157 5.48 -19.71 21.17
C GLY B 157 6.85 -20.10 21.68
N SER B 158 7.07 -21.39 21.88
CA SER B 158 8.37 -21.84 22.35
C SER B 158 9.32 -22.18 21.21
N VAL B 159 8.84 -22.22 19.98
CA VAL B 159 9.58 -22.81 18.86
C VAL B 159 10.20 -21.72 18.00
N ILE B 160 11.52 -21.78 17.87
CA ILE B 160 12.27 -20.94 16.96
C ILE B 160 12.23 -21.54 15.57
N ASN B 161 11.92 -20.71 14.59
CA ASN B 161 11.93 -21.11 13.19
C ASN B 161 13.15 -20.44 12.56
N PHE B 162 14.16 -21.22 12.21
CA PHE B 162 15.30 -20.69 11.49
C PHE B 162 15.01 -20.74 10.00
N CYS B 163 15.18 -19.61 9.32
CA CYS B 163 14.77 -19.47 7.92
C CYS B 163 15.86 -18.95 7.00
N TYR B 164 17.00 -18.50 7.53
CA TYR B 164 17.97 -17.73 6.77
C TYR B 164 19.34 -17.92 7.37
N MET B 165 20.32 -18.22 6.53
CA MET B 165 21.73 -18.09 6.92
C MET B 165 22.43 -17.23 5.88
N HIS B 166 23.20 -16.23 6.34
CA HIS B 166 23.83 -15.21 5.47
C HIS B 166 25.01 -15.69 4.63
N GLN B 167 24.96 -15.39 3.33
CA GLN B 167 25.99 -15.87 2.37
C GLN B 167 26.64 -14.74 1.59
N MET B 168 25.88 -13.75 1.13
CA MET B 168 26.47 -12.75 0.22
C MET B 168 25.85 -11.35 0.20
N GLU B 169 26.64 -10.37 -0.20
CA GLU B 169 26.13 -9.06 -0.59
C GLU B 169 26.10 -8.97 -2.10
N LEU B 170 25.11 -8.28 -2.65
CA LEU B 170 24.98 -8.17 -4.11
C LEU B 170 25.45 -6.80 -4.58
N ALA B 171 25.26 -6.46 -5.86
CA ALA B 171 25.80 -5.20 -6.44
C ALA B 171 25.15 -4.02 -5.75
N ASN B 172 23.87 -4.14 -5.45
CA ASN B 172 23.21 -3.09 -4.67
C ASN B 172 23.61 -3.39 -3.23
N GLY B 173 23.09 -2.67 -2.26
CA GLY B 173 23.54 -3.01 -0.90
C GLY B 173 22.74 -4.16 -0.35
N THR B 174 22.13 -4.92 -1.24
CA THR B 174 21.22 -6.00 -0.85
C THR B 174 21.96 -7.28 -0.46
N HIS B 175 21.23 -8.21 0.12
CA HIS B 175 21.81 -9.43 0.65
C HIS B 175 20.93 -10.63 0.34
N THR B 176 21.50 -11.82 0.48
CA THR B 176 20.73 -13.05 0.32
C THR B 176 21.48 -14.16 1.02
N GLY B 177 20.79 -15.28 1.16
CA GLY B 177 21.41 -16.41 1.77
C GLY B 177 20.61 -17.67 1.53
N SER B 178 20.86 -18.64 2.40
CA SER B 178 20.27 -19.95 2.29
C SER B 178 19.14 -20.09 3.28
N ALA B 179 18.16 -20.89 2.92
CA ALA B 179 17.32 -21.54 3.90
C ALA B 179 18.06 -22.76 4.44
N PHE B 180 17.54 -23.35 5.51
CA PHE B 180 18.26 -24.43 6.18
C PHE B 180 18.01 -25.80 5.57
N ASP B 181 17.22 -25.88 4.52
CA ASP B 181 17.25 -27.10 3.71
C ASP B 181 18.39 -27.06 2.71
N GLY B 182 19.08 -25.92 2.63
CA GLY B 182 20.28 -25.77 1.84
C GLY B 182 20.09 -24.89 0.63
N THR B 183 18.84 -24.65 0.24
CA THR B 183 18.60 -23.87 -0.96
C THR B 183 18.85 -22.41 -0.68
N MET B 184 19.37 -21.72 -1.70
CA MET B 184 19.59 -20.28 -1.62
C MET B 184 18.31 -19.54 -2.00
N TYR B 185 17.94 -18.55 -1.21
CA TYR B 185 16.87 -17.66 -1.63
C TYR B 185 17.27 -17.02 -2.97
N GLY B 186 16.37 -17.10 -3.94
CA GLY B 186 16.63 -16.50 -5.24
C GLY B 186 17.40 -17.38 -6.21
N ALA B 187 17.74 -18.61 -5.82
CA ALA B 187 18.62 -19.48 -6.60
C ALA B 187 19.92 -18.79 -6.98
N PHE B 188 20.32 -17.77 -6.23
CA PHE B 188 21.63 -17.19 -6.43
C PHE B 188 22.67 -18.26 -6.19
N MET B 189 23.74 -18.24 -6.98
CA MET B 189 24.82 -19.19 -6.78
C MET B 189 25.77 -18.70 -5.69
N ASP B 190 26.34 -19.66 -4.99
CA ASP B 190 27.38 -19.32 -3.99
C ASP B 190 28.71 -19.24 -4.75
N LYS B 191 28.81 -18.26 -5.65
CA LYS B 191 30.04 -17.99 -6.41
C LYS B 191 30.22 -16.47 -6.44
N GLN B 192 31.46 -15.99 -6.41
CA GLN B 192 31.73 -14.54 -6.52
C GLN B 192 31.65 -14.23 -8.01
N VAL B 193 30.44 -14.31 -8.55
CA VAL B 193 30.23 -14.06 -9.99
C VAL B 193 29.16 -13.00 -10.08
N HIS B 194 29.05 -12.35 -11.23
CA HIS B 194 27.97 -11.37 -11.40
C HIS B 194 26.69 -12.11 -11.70
N GLN B 195 25.71 -11.97 -10.83
CA GLN B 195 24.39 -12.51 -11.09
C GLN B 195 23.38 -11.44 -10.73
N VAL B 196 22.52 -11.07 -11.65
CA VAL B 196 21.63 -9.90 -11.36
C VAL B 196 20.28 -10.34 -10.83
N GLN B 197 19.74 -9.54 -9.93
CA GLN B 197 18.47 -9.89 -9.30
C GLN B 197 17.29 -9.47 -10.17
N LEU B 198 16.16 -10.10 -9.93
CA LEU B 198 14.94 -9.62 -10.58
C LEU B 198 14.60 -8.31 -9.86
N THR B 199 13.69 -7.55 -10.41
CA THR B 199 13.30 -6.24 -9.85
C THR B 199 12.49 -6.42 -8.57
N ASP B 200 12.76 -5.56 -7.59
CA ASP B 200 11.99 -5.60 -6.35
C ASP B 200 10.58 -5.07 -6.61
N LYS B 201 9.69 -5.37 -5.67
CA LYS B 201 8.31 -4.95 -5.78
C LYS B 201 7.79 -4.54 -4.41
N TYR B 202 6.74 -3.73 -4.43
CA TYR B 202 5.95 -3.45 -3.25
C TYR B 202 5.18 -4.70 -2.84
N CYS B 203 5.29 -5.08 -1.57
CA CYS B 203 4.45 -6.16 -1.06
C CYS B 203 3.06 -5.58 -0.76
N SER B 204 2.09 -5.99 -1.57
CA SER B 204 0.78 -5.37 -1.55
C SER B 204 0.08 -5.57 -0.21
N VAL B 205 0.09 -6.82 0.29
CA VAL B 205 -0.57 -7.12 1.55
C VAL B 205 0.02 -6.31 2.70
N ASN B 206 1.32 -6.02 2.64
CA ASN B 206 1.93 -5.26 3.72
C ASN B 206 1.52 -3.80 3.64
N VAL B 207 1.43 -3.24 2.43
CA VAL B 207 0.99 -1.86 2.33
C VAL B 207 -0.43 -1.71 2.83
N VAL B 208 -1.27 -2.72 2.59
CA VAL B 208 -2.64 -2.68 3.13
C VAL B 208 -2.60 -2.64 4.65
N ALA B 209 -1.74 -3.45 5.26
CA ALA B 209 -1.60 -3.45 6.71
C ALA B 209 -1.24 -2.05 7.23
N TRP B 210 -0.25 -1.43 6.59
CA TRP B 210 0.20 -0.12 7.03
C TRP B 210 -0.91 0.91 6.90
N LEU B 211 -1.77 0.75 5.88
CA LEU B 211 -2.88 1.68 5.69
C LEU B 211 -3.99 1.43 6.71
N TYR B 212 -4.26 0.17 7.03
CA TYR B 212 -5.09 -0.13 8.18
C TYR B 212 -4.51 0.44 9.47
N ALA B 213 -3.18 0.40 9.62
CA ALA B 213 -2.56 0.96 10.82
C ALA B 213 -2.75 2.46 10.87
N ALA B 214 -2.70 3.14 9.72
CA ALA B 214 -2.93 4.58 9.73
C ALA B 214 -4.36 4.90 10.13
N ILE B 215 -5.32 4.11 9.66
CA ILE B 215 -6.72 4.36 10.02
C ILE B 215 -6.93 4.18 11.52
N LEU B 216 -6.31 3.16 12.11
CA LEU B 216 -6.46 2.96 13.56
C LEU B 216 -5.83 4.10 14.35
N ASN B 217 -4.74 4.68 13.84
CA ASN B 217 -4.20 5.91 14.39
C ASN B 217 -4.89 7.17 13.85
N GLY B 218 -6.13 7.06 13.39
CA GLY B 218 -6.87 8.27 12.99
C GLY B 218 -6.36 9.01 11.77
N CYS B 219 -5.51 8.41 10.94
CA CYS B 219 -5.03 9.04 9.72
C CYS B 219 -5.69 8.31 8.55
N ALA B 220 -6.75 8.90 8.00
CA ALA B 220 -7.58 8.21 7.02
C ALA B 220 -8.08 9.17 5.93
N TRP B 221 -7.28 10.20 5.61
CA TRP B 221 -7.65 11.14 4.56
C TRP B 221 -7.72 10.49 3.18
N PHE B 222 -6.89 9.49 2.93
CA PHE B 222 -6.83 8.77 1.66
C PHE B 222 -7.98 7.80 1.47
N VAL B 223 -8.76 7.53 2.50
CA VAL B 223 -9.84 6.58 2.35
C VAL B 223 -11.04 7.24 1.67
N LYS B 224 -11.51 6.61 0.60
CA LYS B 224 -12.64 7.06 -0.20
C LYS B 224 -13.58 5.88 -0.40
N PRO B 225 -14.79 6.13 -0.87
CA PRO B 225 -15.73 5.01 -1.06
C PRO B 225 -15.32 4.11 -2.20
N ASN B 226 -14.57 4.64 -3.16
CA ASN B 226 -14.21 3.88 -4.35
C ASN B 226 -13.42 2.63 -3.98
N ARG B 227 -13.62 1.58 -4.76
CA ARG B 227 -13.05 0.26 -4.50
C ARG B 227 -12.48 -0.31 -5.79
N THR B 228 -11.51 -1.21 -5.63
CA THR B 228 -10.98 -2.00 -6.72
C THR B 228 -10.96 -3.45 -6.28
N SER B 229 -11.51 -4.33 -7.11
CA SER B 229 -11.58 -5.74 -6.77
C SER B 229 -10.17 -6.28 -6.56
N VAL B 230 -10.08 -7.37 -5.81
CA VAL B 230 -8.79 -8.05 -5.70
C VAL B 230 -8.28 -8.43 -7.09
N VAL B 231 -9.16 -9.05 -7.88
CA VAL B 231 -8.77 -9.54 -9.20
C VAL B 231 -8.25 -8.41 -10.06
N SER B 232 -8.99 -7.30 -10.11
CA SER B 232 -8.56 -6.17 -10.93
C SER B 232 -7.29 -5.53 -10.39
N PHE B 233 -7.15 -5.44 -9.05
CA PHE B 233 -5.90 -4.93 -8.49
C PHE B 233 -4.72 -5.82 -8.85
N ASN B 234 -4.91 -7.14 -8.80
CA ASN B 234 -3.82 -8.05 -9.15
C ASN B 234 -3.42 -7.91 -10.61
N GLU B 235 -4.36 -7.53 -11.48
CA GLU B 235 -3.96 -7.19 -12.84
C GLU B 235 -3.12 -5.91 -12.85
N TRP B 236 -3.68 -4.82 -12.31
CA TRP B 236 -2.92 -3.58 -12.19
C TRP B 236 -1.53 -3.83 -11.62
N ALA B 237 -1.43 -4.71 -10.62
CA ALA B 237 -0.17 -4.94 -9.92
C ALA B 237 0.90 -5.50 -10.84
N LEU B 238 0.55 -6.41 -11.74
CA LEU B 238 1.52 -6.97 -12.69
C LEU B 238 2.23 -5.87 -13.48
N ALA B 239 1.56 -4.75 -13.74
CA ALA B 239 2.09 -3.67 -14.54
C ALA B 239 2.71 -2.53 -13.73
N ASN B 240 2.69 -2.61 -12.37
CA ASN B 240 3.11 -1.43 -11.60
C ASN B 240 3.99 -1.77 -10.39
N GLN B 241 4.75 -2.87 -10.42
CA GLN B 241 5.72 -3.21 -9.37
C GLN B 241 5.06 -3.49 -8.03
N PHE B 242 3.93 -4.18 -8.04
CA PHE B 242 3.32 -4.64 -6.81
C PHE B 242 3.18 -6.15 -6.88
N THR B 243 3.41 -6.80 -5.76
CA THR B 243 3.06 -8.20 -5.64
C THR B 243 1.55 -8.39 -5.78
N GLU B 244 1.16 -9.63 -6.02
CA GLU B 244 -0.24 -10.02 -5.98
C GLU B 244 -0.78 -9.94 -4.54
N PHE B 245 -1.97 -9.37 -4.39
CA PHE B 245 -2.60 -9.31 -3.08
C PHE B 245 -3.24 -10.65 -2.77
N VAL B 246 -2.82 -11.28 -1.67
CA VAL B 246 -3.50 -12.46 -1.13
C VAL B 246 -3.87 -12.13 0.30
N GLY B 247 -5.18 -12.06 0.57
CA GLY B 247 -5.64 -11.71 1.90
C GLY B 247 -5.51 -12.85 2.90
N THR B 248 -5.56 -12.48 4.18
CA THR B 248 -5.43 -13.44 5.27
C THR B 248 -6.37 -13.03 6.40
N GLN B 249 -6.70 -14.01 7.26
CA GLN B 249 -7.51 -13.70 8.44
C GLN B 249 -6.87 -12.60 9.26
N SER B 250 -5.55 -12.45 9.16
CA SER B 250 -4.88 -11.32 9.79
C SER B 250 -5.32 -10.00 9.18
N VAL B 251 -5.43 -9.93 7.84
CA VAL B 251 -5.91 -8.72 7.19
C VAL B 251 -7.38 -8.49 7.50
N ASP B 252 -8.18 -9.56 7.46
CA ASP B 252 -9.61 -9.46 7.69
C ASP B 252 -9.93 -8.85 9.04
N MET B 253 -9.11 -9.14 10.06
CA MET B 253 -9.30 -8.56 11.38
C MET B 253 -9.19 -7.04 11.34
N LEU B 254 -8.18 -6.53 10.65
CA LEU B 254 -8.12 -5.08 10.49
C LEU B 254 -9.32 -4.54 9.72
N ALA B 255 -9.86 -5.31 8.76
CA ALA B 255 -11.02 -4.82 8.02
C ALA B 255 -12.23 -4.72 8.92
N VAL B 256 -12.40 -5.67 9.85
CA VAL B 256 -13.55 -5.65 10.75
C VAL B 256 -13.44 -4.52 11.75
N LYS B 257 -12.30 -4.43 12.46
CA LYS B 257 -12.16 -3.41 13.49
C LYS B 257 -12.33 -2.01 12.89
N THR B 258 -11.77 -1.79 11.71
CA THR B 258 -11.71 -0.49 11.07
C THR B 258 -13.00 -0.09 10.36
N GLY B 259 -13.78 -1.06 9.90
CA GLY B 259 -14.89 -0.74 9.04
C GLY B 259 -14.54 -0.40 7.59
N VAL B 260 -13.26 -0.38 7.21
CA VAL B 260 -12.87 -0.07 5.82
C VAL B 260 -12.51 -1.35 5.09
N ALA B 261 -13.14 -1.59 3.94
CA ALA B 261 -12.92 -2.80 3.17
C ALA B 261 -11.54 -2.82 2.55
N ILE B 262 -11.00 -4.03 2.40
CA ILE B 262 -9.74 -4.23 1.68
C ILE B 262 -9.80 -3.53 0.33
N GLU B 263 -10.95 -3.62 -0.34
CA GLU B 263 -11.11 -3.08 -1.68
C GLU B 263 -10.96 -1.55 -1.72
N GLN B 264 -11.36 -0.84 -0.66
CA GLN B 264 -11.14 0.60 -0.64
C GLN B 264 -9.65 0.91 -0.59
N LEU B 265 -8.90 0.11 0.18
CA LEU B 265 -7.47 0.34 0.33
C LEU B 265 -6.68 -0.07 -0.90
N LEU B 266 -7.12 -1.09 -1.62
CA LEU B 266 -6.43 -1.41 -2.86
C LEU B 266 -6.64 -0.30 -3.88
N TYR B 267 -7.80 0.33 -3.88
CA TYR B 267 -8.03 1.50 -4.73
C TYR B 267 -7.17 2.67 -4.27
N ALA B 268 -7.06 2.89 -2.95
CA ALA B 268 -6.27 4.02 -2.47
C ALA B 268 -4.81 3.83 -2.84
N ILE B 269 -4.33 2.59 -2.77
CA ILE B 269 -2.94 2.27 -3.13
C ILE B 269 -2.64 2.73 -4.56
N GLN B 270 -3.54 2.40 -5.48
CA GLN B 270 -3.39 2.83 -6.87
C GLN B 270 -3.31 4.33 -6.97
N GLN B 271 -4.13 5.04 -6.19
CA GLN B 271 -4.06 6.49 -6.13
C GLN B 271 -2.76 6.96 -5.47
N LEU B 272 -2.37 6.32 -4.36
CA LEU B 272 -1.23 6.79 -3.58
C LEU B 272 0.09 6.57 -4.29
N TYR B 273 0.23 5.44 -4.99
CA TYR B 273 1.41 5.20 -5.81
C TYR B 273 1.67 6.36 -6.77
N THR B 274 0.59 6.89 -7.39
CA THR B 274 0.71 8.06 -8.28
C THR B 274 1.23 9.29 -7.55
N GLY B 275 0.77 9.50 -6.31
CA GLY B 275 1.29 10.60 -5.52
C GLY B 275 0.48 10.84 -4.27
N PHE B 276 1.10 11.48 -3.27
CA PHE B 276 0.50 11.71 -1.97
C PHE B 276 -0.16 13.09 -1.85
N GLN B 277 -0.36 13.78 -2.96
CA GLN B 277 -1.07 15.06 -2.97
C GLN B 277 -0.49 16.04 -1.95
N GLY B 278 0.80 15.89 -1.63
CA GLY B 278 1.44 16.78 -0.68
C GLY B 278 1.08 16.55 0.77
N LYS B 279 0.33 15.50 1.09
CA LYS B 279 0.06 15.17 2.49
C LYS B 279 0.98 14.04 2.94
N GLN B 280 0.66 13.43 4.09
CA GLN B 280 1.48 12.39 4.68
C GLN B 280 0.60 11.31 5.29
N ILE B 281 1.09 10.07 5.27
CA ILE B 281 0.46 8.97 5.98
C ILE B 281 1.43 8.48 7.06
N LEU B 282 1.06 8.68 8.33
CA LEU B 282 1.85 8.21 9.47
C LEU B 282 3.30 8.67 9.35
N GLY B 283 3.48 9.97 9.13
CA GLY B 283 4.80 10.53 8.96
C GLY B 283 5.49 10.23 7.64
N SER B 284 4.95 9.38 6.78
CA SER B 284 5.65 9.01 5.57
C SER B 284 5.04 9.69 4.35
N THR B 285 5.85 9.80 3.29
CA THR B 285 5.44 10.41 2.03
C THR B 285 5.44 9.41 0.89
N MET B 286 5.75 8.14 1.17
CA MET B 286 5.76 7.08 0.19
C MET B 286 5.14 5.86 0.86
N LEU B 287 4.77 4.89 0.04
CA LEU B 287 4.09 3.72 0.58
C LEU B 287 5.05 2.85 1.39
N GLU B 288 4.55 2.36 2.53
CA GLU B 288 5.34 1.54 3.44
C GLU B 288 4.91 0.09 3.29
N ASP B 289 5.87 -0.79 2.99
CA ASP B 289 5.57 -2.22 2.83
C ASP B 289 6.39 -3.13 3.75
N GLU B 290 7.00 -2.59 4.81
CA GLU B 290 7.82 -3.44 5.66
C GLU B 290 7.14 -3.87 6.94
N PHE B 291 5.88 -3.52 7.12
CA PHE B 291 5.08 -3.95 8.27
C PHE B 291 4.03 -4.93 7.78
N THR B 292 4.07 -6.14 8.32
CA THR B 292 3.17 -7.23 7.92
C THR B 292 1.79 -7.02 8.53
N PRO B 293 0.78 -7.77 8.07
CA PRO B 293 -0.50 -7.70 8.78
C PRO B 293 -0.35 -8.15 10.22
N GLU B 294 0.50 -9.16 10.47
CA GLU B 294 0.71 -9.66 11.83
C GLU B 294 1.35 -8.61 12.72
N ASP B 295 2.28 -7.81 12.18
CA ASP B 295 2.86 -6.76 13.01
C ASP B 295 1.83 -5.72 13.43
N VAL B 296 0.97 -5.30 12.50
CA VAL B 296 -0.04 -4.32 12.84
C VAL B 296 -0.99 -4.87 13.88
N ASN B 297 -1.44 -6.12 13.68
CA ASN B 297 -2.37 -6.73 14.64
C ASN B 297 -1.78 -6.73 16.05
N MET B 298 -0.51 -7.11 16.18
CA MET B 298 0.11 -7.23 17.49
C MET B 298 0.50 -5.87 18.05
N GLN B 299 1.06 -4.98 17.24
CA GLN B 299 1.56 -3.68 17.78
C GLN B 299 0.41 -2.74 18.18
N ILE B 300 -0.70 -2.79 17.46
CA ILE B 300 -1.88 -1.94 17.76
C ILE B 300 -3.03 -2.86 18.18
N MET B 301 -2.75 -3.90 18.98
CA MET B 301 -3.77 -4.92 19.34
C MET B 301 -5.12 -4.28 19.64
N SER C 1 19.69 2.87 1.22
CA SER C 1 20.09 1.47 1.39
C SER C 1 21.24 1.37 2.41
N GLY C 2 21.26 0.29 3.20
CA GLY C 2 22.34 0.07 4.18
C GLY C 2 22.02 0.59 5.56
N LEU C 3 20.98 1.40 5.72
CA LEU C 3 20.65 2.01 7.04
C LEU C 3 19.52 1.24 7.71
N VAL C 4 19.85 0.52 8.75
CA VAL C 4 18.85 -0.33 9.40
C VAL C 4 18.77 0.02 10.88
N LYS C 5 17.57 0.01 11.43
CA LYS C 5 17.39 0.19 12.87
C LYS C 5 17.92 -1.04 13.58
N MET C 6 19.03 -0.90 14.28
CA MET C 6 19.74 -2.04 14.85
C MET C 6 19.76 -1.96 16.37
N SER C 7 19.30 -3.01 17.04
CA SER C 7 19.32 -3.10 18.49
C SER C 7 20.50 -3.94 18.94
N HIS C 8 20.92 -3.76 20.19
CA HIS C 8 21.92 -4.67 20.71
C HIS C 8 21.29 -6.04 20.88
N PRO C 9 22.07 -7.11 20.74
CA PRO C 9 21.60 -8.43 21.17
C PRO C 9 21.11 -8.32 22.60
N SER C 10 19.95 -8.90 22.88
CA SER C 10 19.28 -8.66 24.14
C SER C 10 19.50 -9.75 25.18
N GLY C 11 20.31 -10.78 24.87
CA GLY C 11 20.42 -11.90 25.79
C GLY C 11 20.80 -11.51 27.21
N ASP C 12 21.74 -10.57 27.36
CA ASP C 12 22.20 -10.19 28.70
C ASP C 12 21.07 -9.61 29.53
N VAL C 13 20.24 -8.75 28.93
CA VAL C 13 19.16 -8.13 29.67
C VAL C 13 18.02 -9.10 29.87
N GLU C 14 17.79 -10.01 28.91
CA GLU C 14 16.76 -11.02 29.08
C GLU C 14 16.97 -11.82 30.35
N ALA C 15 18.21 -12.18 30.66
CA ALA C 15 18.48 -12.95 31.86
C ALA C 15 18.17 -12.19 33.14
N CYS C 16 18.03 -10.86 33.10
CA CYS C 16 17.82 -10.06 34.29
C CYS C 16 16.38 -9.66 34.51
N MET C 17 15.45 -10.06 33.64
CA MET C 17 14.07 -9.61 33.74
C MET C 17 13.30 -10.50 34.71
N VAL C 18 12.40 -9.89 35.48
CA VAL C 18 11.58 -10.62 36.45
C VAL C 18 10.22 -9.93 36.52
N GLN C 19 9.24 -10.66 37.05
CA GLN C 19 7.93 -10.10 37.32
C GLN C 19 7.83 -9.75 38.81
N VAL C 20 7.25 -8.60 39.07
CA VAL C 20 7.12 -8.04 40.41
C VAL C 20 5.64 -7.80 40.63
N THR C 21 5.07 -8.46 41.62
CA THR C 21 3.66 -8.26 41.94
C THR C 21 3.54 -7.68 43.35
N CYS C 22 2.51 -6.86 43.53
CA CYS C 22 2.28 -6.20 44.82
C CYS C 22 0.77 -6.05 44.95
N GLY C 23 0.16 -6.90 45.78
CA GLY C 23 -1.29 -6.87 45.90
C GLY C 23 -1.90 -7.26 44.58
N SER C 24 -2.84 -6.45 44.09
CA SER C 24 -3.47 -6.67 42.79
C SER C 24 -2.77 -5.93 41.65
N MET C 25 -1.43 -5.82 41.66
CA MET C 25 -0.69 -5.06 40.66
C MET C 25 0.58 -5.80 40.29
N THR C 26 0.80 -5.94 38.99
CA THR C 26 2.00 -6.63 38.45
C THR C 26 2.65 -5.87 37.28
N LEU C 27 3.96 -6.04 37.14
CA LEU C 27 4.74 -5.39 36.07
C LEU C 27 6.12 -6.02 36.04
N ASN C 28 6.98 -5.51 35.18
CA ASN C 28 8.34 -6.05 34.98
C ASN C 28 9.35 -5.33 35.87
N GLY C 29 10.39 -6.04 36.29
CA GLY C 29 11.45 -5.42 37.03
C GLY C 29 12.79 -5.93 36.56
N LEU C 30 13.83 -5.20 36.95
CA LEU C 30 15.18 -5.47 36.49
C LEU C 30 16.01 -5.98 37.66
N TRP C 31 16.50 -7.22 37.53
CA TRP C 31 17.16 -7.93 38.62
C TRP C 31 18.67 -7.89 38.41
N LEU C 32 19.33 -7.06 39.18
CA LEU C 32 20.79 -6.91 39.07
C LEU C 32 21.40 -7.10 40.47
N ASP C 33 22.39 -7.98 40.61
CA ASP C 33 22.96 -8.29 41.95
C ASP C 33 21.82 -8.76 42.87
N ASN C 34 21.69 -8.14 44.03
CA ASN C 34 20.59 -8.47 44.97
C ASN C 34 19.50 -7.42 44.89
N THR C 35 19.43 -6.63 43.81
CA THR C 35 18.45 -5.57 43.71
C THR C 35 17.48 -5.85 42.57
N VAL C 36 16.19 -5.67 42.84
CA VAL C 36 15.16 -5.68 41.81
C VAL C 36 14.65 -4.26 41.67
N TRP C 37 14.95 -3.61 40.53
CA TRP C 37 14.33 -2.32 40.21
C TRP C 37 12.99 -2.54 39.57
N CYS C 38 12.04 -1.66 39.87
CA CYS C 38 10.74 -1.68 39.21
C CYS C 38 10.07 -0.34 39.45
N PRO C 39 9.02 0.00 38.69
CA PRO C 39 8.35 1.29 38.91
C PRO C 39 7.48 1.28 40.15
N ARG C 40 7.56 2.37 40.92
CA ARG C 40 6.87 2.45 42.20
C ARG C 40 5.35 2.46 42.06
N HIS C 41 4.80 2.68 40.88
CA HIS C 41 3.36 2.63 40.95
C HIS C 41 2.80 1.18 41.10
N VAL C 42 3.58 0.10 41.23
CA VAL C 42 3.04 -1.18 41.72
C VAL C 42 2.19 -0.97 42.96
N MET C 43 2.76 -0.29 43.96
CA MET C 43 2.08 -0.02 45.23
C MET C 43 0.73 0.64 45.01
N CYS C 44 0.62 1.51 44.02
CA CYS C 44 -0.55 2.33 43.88
C CYS C 44 -1.77 1.48 43.52
N PRO C 45 -2.87 1.61 44.25
CA PRO C 45 -4.07 0.82 43.94
C PRO C 45 -4.81 1.36 42.74
N ALA C 46 -5.40 0.43 41.98
CA ALA C 46 -5.99 0.77 40.68
C ALA C 46 -7.05 1.85 40.77
N ASP C 47 -7.81 1.88 41.88
CA ASP C 47 -8.82 2.91 42.05
C ASP C 47 -8.23 4.26 42.41
N GLN C 48 -6.91 4.34 42.63
CA GLN C 48 -6.29 5.53 43.23
C GLN C 48 -5.05 5.97 42.44
N LEU C 49 -5.04 5.68 41.14
CA LEU C 49 -3.94 6.01 40.25
C LEU C 49 -3.91 7.47 39.79
N SER C 50 -4.86 8.31 40.21
CA SER C 50 -4.90 9.67 39.70
C SER C 50 -3.89 10.56 40.40
N ASP C 51 -3.71 10.39 41.70
CA ASP C 51 -2.73 11.19 42.45
C ASP C 51 -2.28 10.40 43.67
N PRO C 52 -1.34 9.49 43.48
CA PRO C 52 -0.99 8.55 44.55
C PRO C 52 0.01 9.12 45.54
N ASN C 53 -0.26 8.89 46.83
CA ASN C 53 0.72 9.19 47.86
C ASN C 53 1.68 8.01 47.94
N TYR C 54 2.88 8.20 47.41
CA TYR C 54 3.86 7.12 47.38
C TYR C 54 4.58 6.97 48.71
N ASP C 55 4.74 8.07 49.45
CA ASP C 55 5.42 7.96 50.73
C ASP C 55 4.54 7.24 51.74
N ALA C 56 3.23 7.48 51.67
CA ALA C 56 2.29 6.70 52.47
C ALA C 56 2.27 5.24 52.02
N LEU C 57 2.28 4.99 50.71
CA LEU C 57 2.28 3.62 50.25
C LEU C 57 3.55 2.90 50.67
N LEU C 58 4.69 3.58 50.60
CA LEU C 58 5.94 2.99 51.06
C LEU C 58 5.87 2.56 52.52
N ILE C 59 5.19 3.34 53.38
CA ILE C 59 5.11 2.92 54.77
C ILE C 59 4.10 1.78 54.94
N SER C 60 3.03 1.79 54.15
CA SER C 60 2.04 0.73 54.17
C SER C 60 2.62 -0.63 53.82
N MET C 61 3.83 -0.65 53.26
CA MET C 61 4.45 -1.88 52.77
C MET C 61 4.98 -2.76 53.88
N THR C 62 4.88 -4.05 53.69
CA THR C 62 5.25 -5.02 54.74
C THR C 62 6.30 -5.99 54.18
N ASN C 63 6.78 -6.88 55.03
CA ASN C 63 7.89 -7.79 54.67
C ASN C 63 7.59 -8.69 53.47
N HIS C 64 6.33 -8.87 53.12
CA HIS C 64 5.98 -9.71 51.97
C HIS C 64 4.89 -9.04 51.14
N SER C 65 4.88 -7.71 51.11
CA SER C 65 4.01 -7.02 50.17
C SER C 65 4.46 -7.24 48.73
N PHE C 66 5.73 -7.61 48.52
CA PHE C 66 6.28 -7.79 47.18
C PHE C 66 6.67 -9.23 46.94
N SER C 67 6.24 -9.77 45.81
CA SER C 67 6.68 -11.07 45.32
C SER C 67 7.35 -10.88 43.95
N VAL C 68 8.48 -11.57 43.76
CA VAL C 68 9.29 -11.49 42.55
C VAL C 68 9.46 -12.89 41.98
N GLN C 69 8.96 -13.10 40.77
CA GLN C 69 9.12 -14.36 40.06
C GLN C 69 10.04 -14.19 38.87
N LYS C 70 10.91 -15.17 38.68
CA LYS C 70 11.79 -15.31 37.51
C LYS C 70 11.12 -16.35 36.62
N HIS C 71 10.49 -15.91 35.54
CA HIS C 71 9.69 -16.83 34.73
C HIS C 71 10.53 -17.55 33.69
N ILE C 72 11.57 -16.90 33.20
CA ILE C 72 12.40 -17.44 32.14
C ILE C 72 13.76 -17.74 32.73
N GLY C 73 14.67 -18.28 31.93
CA GLY C 73 15.89 -18.83 32.48
C GLY C 73 15.51 -19.97 33.40
N ALA C 74 16.41 -20.29 34.31
CA ALA C 74 16.03 -21.25 35.35
C ALA C 74 15.04 -20.55 36.27
N PRO C 75 13.79 -20.98 36.34
CA PRO C 75 12.82 -20.27 37.19
C PRO C 75 13.31 -20.22 38.63
N ALA C 76 12.73 -19.31 39.39
CA ALA C 76 13.00 -19.17 40.82
C ALA C 76 12.00 -18.20 41.39
N ASN C 77 11.75 -18.34 42.68
CA ASN C 77 11.03 -17.35 43.46
C ASN C 77 12.06 -16.57 44.27
N LEU C 78 11.98 -15.25 44.21
CA LEU C 78 13.00 -14.39 44.82
C LEU C 78 12.40 -13.78 46.08
N ARG C 79 12.96 -14.11 47.23
CA ARG C 79 12.49 -13.55 48.49
C ARG C 79 12.93 -12.10 48.62
N VAL C 80 11.98 -11.20 48.82
CA VAL C 80 12.30 -9.80 49.08
C VAL C 80 12.68 -9.67 50.55
N VAL C 81 13.82 -9.02 50.81
CA VAL C 81 14.35 -8.80 52.15
C VAL C 81 14.50 -7.31 52.48
N GLY C 82 13.82 -6.45 51.73
CA GLY C 82 14.01 -5.01 51.89
C GLY C 82 13.32 -4.22 50.80
N HIS C 83 12.77 -3.05 51.13
CA HIS C 83 12.10 -2.25 50.14
C HIS C 83 12.36 -0.77 50.38
N ALA C 84 12.86 -0.10 49.34
CA ALA C 84 13.12 1.33 49.34
C ALA C 84 12.59 1.92 48.03
N MET C 85 12.56 3.25 47.96
CA MET C 85 12.03 3.98 46.82
C MET C 85 13.00 5.11 46.45
N GLN C 86 13.42 5.15 45.18
CA GLN C 86 14.34 6.17 44.68
C GLN C 86 13.70 6.87 43.48
N GLY C 87 13.19 8.06 43.71
CA GLY C 87 12.54 8.80 42.63
C GLY C 87 11.21 8.16 42.29
N THR C 88 11.05 7.83 41.02
CA THR C 88 9.86 7.15 40.54
C THR C 88 10.01 5.64 40.47
N LEU C 89 11.09 5.09 41.01
CA LEU C 89 11.30 3.65 41.01
C LEU C 89 11.28 3.06 42.42
N LEU C 90 11.29 1.74 42.46
CA LEU C 90 11.41 0.96 43.68
C LEU C 90 12.70 0.15 43.65
N LYS C 91 13.43 0.13 44.75
CA LYS C 91 14.56 -0.77 44.93
C LYS C 91 14.12 -1.86 45.89
N LEU C 92 14.01 -3.07 45.38
CA LEU C 92 13.62 -4.22 46.19
C LEU C 92 14.85 -5.10 46.38
N THR C 93 15.29 -5.24 47.63
CA THR C 93 16.43 -6.12 47.91
C THR C 93 15.92 -7.55 48.03
N VAL C 94 16.60 -8.47 47.37
CA VAL C 94 16.23 -9.87 47.39
C VAL C 94 17.44 -10.67 47.89
N ASP C 95 17.16 -11.89 48.36
CA ASP C 95 18.14 -12.63 49.17
C ASP C 95 19.12 -13.46 48.35
N VAL C 96 18.86 -13.71 47.08
CA VAL C 96 19.82 -14.30 46.17
C VAL C 96 20.24 -13.24 45.16
N ALA C 97 21.53 -13.23 44.82
CA ALA C 97 22.07 -12.33 43.81
C ALA C 97 21.97 -12.98 42.42
N ASN C 98 21.55 -12.19 41.44
CA ASN C 98 21.43 -12.69 40.08
C ASN C 98 22.78 -13.26 39.65
N PRO C 99 22.86 -14.56 39.36
CA PRO C 99 24.15 -15.11 38.91
C PRO C 99 24.51 -14.63 37.52
N SER C 100 23.55 -14.16 36.74
CA SER C 100 23.80 -13.61 35.41
C SER C 100 23.74 -12.08 35.42
N THR C 101 24.17 -11.45 36.50
CA THR C 101 24.24 -10.00 36.52
C THR C 101 25.36 -9.58 35.59
N PRO C 102 25.09 -8.83 34.52
CA PRO C 102 26.18 -8.32 33.69
C PRO C 102 26.80 -7.09 34.35
N ALA C 103 28.02 -6.78 33.91
CA ALA C 103 28.59 -5.50 34.31
C ALA C 103 27.68 -4.40 33.79
N TYR C 104 27.39 -3.42 34.63
CA TYR C 104 26.40 -2.44 34.25
C TYR C 104 26.75 -1.07 34.81
N THR C 105 26.17 -0.04 34.19
CA THR C 105 26.17 1.33 34.69
C THR C 105 24.76 1.90 34.53
N PHE C 106 24.52 3.04 35.18
CA PHE C 106 23.23 3.74 35.12
C PHE C 106 23.46 5.12 34.53
N THR C 107 23.11 5.26 33.27
CA THR C 107 23.38 6.46 32.46
C THR C 107 22.05 7.05 32.01
N THR C 108 21.80 8.32 32.33
CA THR C 108 20.67 9.00 31.72
C THR C 108 20.96 9.29 30.25
N VAL C 109 20.05 8.94 29.32
CA VAL C 109 20.30 9.27 27.92
C VAL C 109 19.86 10.71 27.64
N LYS C 110 20.47 11.29 26.62
CA LYS C 110 20.20 12.63 26.13
C LYS C 110 19.50 12.59 24.77
N PRO C 111 18.71 13.63 24.45
CA PRO C 111 18.00 13.67 23.16
C PRO C 111 18.92 13.46 21.95
N GLY C 112 18.37 12.86 20.90
CA GLY C 112 19.16 12.42 19.76
C GLY C 112 19.91 11.12 19.96
N ALA C 113 20.08 10.64 21.18
CA ALA C 113 20.79 9.40 21.39
C ALA C 113 19.84 8.22 21.28
N ALA C 114 20.37 7.11 20.80
CA ALA C 114 19.59 5.90 20.56
C ALA C 114 19.88 4.84 21.63
N PHE C 115 18.86 4.12 22.02
CA PHE C 115 19.10 2.97 22.88
C PHE C 115 18.17 1.84 22.46
N SER C 116 18.46 0.65 22.99
CA SER C 116 17.73 -0.57 22.71
C SER C 116 16.71 -0.79 23.81
N VAL C 117 15.46 -1.07 23.45
CA VAL C 117 14.39 -1.35 24.40
C VAL C 117 14.08 -2.84 24.35
N LEU C 118 14.05 -3.48 25.52
CA LEU C 118 13.57 -4.85 25.62
C LEU C 118 12.17 -4.82 26.23
N ALA C 119 11.15 -5.01 25.39
CA ALA C 119 9.77 -5.02 25.86
C ALA C 119 9.42 -6.40 26.45
N CYS C 120 8.86 -6.38 27.66
CA CYS C 120 8.51 -7.57 28.40
C CYS C 120 7.07 -7.44 28.93
N TYR C 121 6.42 -8.59 29.07
CA TYR C 121 5.07 -8.69 29.60
C TYR C 121 5.08 -9.81 30.64
N ASN C 122 4.69 -9.48 31.87
CA ASN C 122 4.67 -10.44 32.98
C ASN C 122 6.03 -11.11 33.16
N GLY C 123 7.06 -10.28 33.18
CA GLY C 123 8.41 -10.77 33.31
C GLY C 123 8.92 -11.53 32.11
N ARG C 124 8.18 -11.53 31.01
CA ARG C 124 8.60 -12.36 29.89
C ARG C 124 8.98 -11.49 28.70
N PRO C 125 10.21 -11.57 28.22
CA PRO C 125 10.61 -10.77 27.04
C PRO C 125 9.91 -11.24 25.77
N THR C 126 9.40 -10.27 25.00
CA THR C 126 8.62 -10.61 23.82
C THR C 126 9.12 -9.91 22.57
N GLY C 127 9.72 -8.74 22.73
CA GLY C 127 10.18 -8.01 21.56
C GLY C 127 11.33 -7.08 21.89
N THR C 128 12.04 -6.69 20.84
CA THR C 128 13.18 -5.80 21.01
C THR C 128 13.15 -4.82 19.86
N PHE C 129 13.46 -3.56 20.17
CA PHE C 129 13.48 -2.52 19.14
C PHE C 129 14.38 -1.41 19.64
N THR C 130 14.68 -0.47 18.76
CA THR C 130 15.50 0.66 19.14
C THR C 130 14.78 1.95 18.80
N VAL C 131 15.01 2.95 19.64
CA VAL C 131 14.39 4.27 19.50
C VAL C 131 15.44 5.32 19.86
N VAL C 132 15.17 6.57 19.48
CA VAL C 132 16.00 7.71 19.86
C VAL C 132 15.19 8.53 20.86
N MET C 133 15.85 8.98 21.92
CA MET C 133 15.20 9.85 22.89
C MET C 133 14.83 11.17 22.22
N ARG C 134 13.53 11.47 22.13
CA ARG C 134 13.14 12.67 21.41
C ARG C 134 13.49 13.91 22.22
N PRO C 135 13.71 15.04 21.55
CA PRO C 135 14.05 16.27 22.26
C PRO C 135 12.99 16.76 23.24
N ASN C 136 11.75 16.29 23.14
CA ASN C 136 10.78 16.57 24.18
C ASN C 136 10.69 15.45 25.20
N TYR C 137 11.71 14.59 25.23
CA TYR C 137 11.90 13.59 26.29
C TYR C 137 10.76 12.58 26.29
N THR C 138 10.28 12.24 25.11
CA THR C 138 9.46 11.08 24.86
C THR C 138 10.16 10.16 23.86
N ILE C 139 9.65 8.95 23.71
CA ILE C 139 10.17 7.99 22.75
C ILE C 139 9.00 7.42 21.98
N LYS C 140 9.22 7.13 20.70
CA LYS C 140 8.19 6.57 19.84
C LYS C 140 8.35 5.05 19.86
N GLY C 141 7.84 4.44 20.92
CA GLY C 141 7.96 3.01 21.11
C GLY C 141 6.69 2.26 20.74
N SER C 142 6.73 0.95 20.98
CA SER C 142 5.58 0.06 20.82
C SER C 142 5.39 -0.66 22.14
N PHE C 143 4.63 -0.03 23.03
CA PHE C 143 4.37 -0.56 24.37
C PHE C 143 2.88 -0.77 24.53
N LEU C 144 2.50 -1.94 25.00
CA LEU C 144 1.12 -2.23 25.33
C LEU C 144 0.98 -2.35 26.84
N CYS C 145 -0.26 -2.44 27.27
CA CYS C 145 -0.56 -2.58 28.68
C CYS C 145 0.22 -3.78 29.25
N GLY C 146 0.84 -3.59 30.41
CA GLY C 146 1.65 -4.61 31.03
C GLY C 146 3.12 -4.52 30.71
N SER C 147 3.56 -3.52 29.96
CA SER C 147 4.94 -3.41 29.56
C SER C 147 5.77 -2.57 30.52
N CYS C 148 5.12 -1.83 31.41
CA CYS C 148 5.82 -1.09 32.45
C CYS C 148 6.84 -1.97 33.13
N GLY C 149 8.02 -1.41 33.35
CA GLY C 149 9.15 -2.17 33.80
C GLY C 149 10.13 -2.53 32.71
N SER C 150 9.70 -2.49 31.43
CA SER C 150 10.60 -2.81 30.33
C SER C 150 11.77 -1.84 30.31
N VAL C 151 12.89 -2.31 29.81
CA VAL C 151 14.17 -1.69 30.08
C VAL C 151 14.80 -1.24 28.76
N GLY C 152 15.27 0.01 28.74
CA GLY C 152 16.13 0.52 27.68
C GLY C 152 17.58 0.54 28.09
N TYR C 153 18.48 0.23 27.16
CA TYR C 153 19.88 0.04 27.48
C TYR C 153 20.77 0.29 26.26
N THR C 154 21.99 0.74 26.51
CA THR C 154 23.07 0.69 25.52
C THR C 154 24.17 -0.22 26.08
N LYS C 155 25.04 -0.64 25.18
CA LYS C 155 26.17 -1.50 25.59
C LYS C 155 27.46 -0.89 25.07
N GLU C 156 28.29 -0.39 25.97
CA GLU C 156 29.65 0.04 25.55
C GLU C 156 30.58 -1.10 25.93
N GLY C 157 31.13 -1.80 24.94
CA GLY C 157 31.97 -2.99 25.23
C GLY C 157 31.18 -4.05 25.96
N SER C 158 31.64 -4.44 27.13
CA SER C 158 30.95 -5.45 27.97
C SER C 158 29.99 -4.77 28.94
N VAL C 159 30.08 -3.46 29.09
CA VAL C 159 29.26 -2.78 30.13
C VAL C 159 27.89 -2.39 29.59
N ILE C 160 26.86 -2.85 30.28
CA ILE C 160 25.53 -2.45 29.84
C ILE C 160 25.15 -1.16 30.55
N ASN C 161 24.65 -0.21 29.77
CA ASN C 161 24.34 1.13 30.26
C ASN C 161 22.83 1.27 30.29
N PHE C 162 22.25 0.81 31.39
CA PHE C 162 20.82 0.87 31.59
C PHE C 162 20.37 2.32 31.68
N CYS C 163 19.50 2.74 30.76
CA CYS C 163 19.12 4.15 30.76
C CYS C 163 17.62 4.41 30.88
N TYR C 164 16.78 3.37 30.87
CA TYR C 164 15.34 3.59 30.71
C TYR C 164 14.54 2.48 31.39
N MET C 165 13.53 2.84 32.18
CA MET C 165 12.55 1.85 32.64
C MET C 165 11.16 2.41 32.36
N HIS C 166 10.36 1.65 31.61
CA HIS C 166 9.15 2.18 30.99
C HIS C 166 8.03 2.41 31.99
N GLN C 167 7.35 3.52 31.88
CA GLN C 167 6.35 3.86 32.90
C GLN C 167 5.00 4.22 32.31
N MET C 168 4.96 4.82 31.13
CA MET C 168 3.66 5.35 30.65
C MET C 168 3.54 5.66 29.15
N GLU C 169 2.30 5.77 28.70
CA GLU C 169 2.01 6.21 27.32
C GLU C 169 1.27 7.52 27.44
N LEU C 170 1.67 8.52 26.67
CA LEU C 170 1.04 9.85 26.71
C LEU C 170 -0.19 9.91 25.82
N ALA C 171 -0.83 11.06 25.73
CA ALA C 171 -2.07 11.19 24.93
C ALA C 171 -1.81 10.80 23.49
N ASN C 172 -0.69 11.23 22.96
CA ASN C 172 -0.27 10.78 21.62
C ASN C 172 0.34 9.41 21.88
N GLY C 173 0.70 8.67 20.86
CA GLY C 173 1.18 7.30 21.12
C GLY C 173 2.56 7.25 21.73
N THR C 174 3.14 8.41 22.01
CA THR C 174 4.49 8.51 22.61
C THR C 174 4.58 7.94 24.02
N HIS C 175 5.78 7.55 24.39
CA HIS C 175 6.02 6.88 25.67
C HIS C 175 7.14 7.55 26.43
N THR C 176 7.14 7.42 27.74
CA THR C 176 8.23 7.90 28.57
C THR C 176 8.38 7.03 29.80
N GLY C 177 9.42 7.30 30.56
CA GLY C 177 9.73 6.48 31.70
C GLY C 177 10.85 7.09 32.51
N SER C 178 11.53 6.23 33.24
CA SER C 178 12.49 6.63 34.25
C SER C 178 13.91 6.27 33.85
N ALA C 179 14.84 7.11 34.26
CA ALA C 179 16.23 6.74 34.32
C ALA C 179 16.53 6.07 35.66
N PHE C 180 17.59 5.28 35.69
CA PHE C 180 17.72 4.45 36.86
C PHE C 180 18.20 5.23 38.09
N ASP C 181 18.30 6.56 37.99
CA ASP C 181 18.46 7.43 39.14
C ASP C 181 17.11 7.85 39.71
N GLY C 182 16.02 7.40 39.13
CA GLY C 182 14.69 7.67 39.64
C GLY C 182 13.98 8.82 38.97
N THR C 183 14.70 9.72 38.32
CA THR C 183 14.04 10.82 37.65
C THR C 183 13.34 10.32 36.40
N MET C 184 12.14 10.86 36.13
CA MET C 184 11.41 10.54 34.93
C MET C 184 11.79 11.50 33.81
N TYR C 185 12.13 10.93 32.64
CA TYR C 185 12.48 11.73 31.49
C TYR C 185 11.39 12.76 31.21
N GLY C 186 11.78 14.03 31.07
CA GLY C 186 10.83 15.07 30.73
C GLY C 186 9.99 15.61 31.87
N ALA C 187 10.35 15.33 33.12
CA ALA C 187 9.61 15.80 34.29
C ALA C 187 8.12 15.50 34.21
N PHE C 188 7.73 14.50 33.43
CA PHE C 188 6.37 13.95 33.51
C PHE C 188 6.19 13.25 34.85
N MET C 189 4.95 13.18 35.32
CA MET C 189 4.66 12.71 36.67
C MET C 189 4.07 11.30 36.61
N ASP C 190 4.51 10.43 37.55
CA ASP C 190 3.89 9.12 37.66
C ASP C 190 2.58 9.28 38.42
N LYS C 191 1.62 9.90 37.75
CA LYS C 191 0.23 9.93 38.18
C LYS C 191 -0.63 9.91 36.92
N GLN C 192 -1.84 9.39 37.05
CA GLN C 192 -2.73 9.22 35.90
C GLN C 192 -3.56 10.48 35.72
N VAL C 193 -2.89 11.51 35.22
CA VAL C 193 -3.51 12.78 34.87
C VAL C 193 -3.04 13.14 33.47
N HIS C 194 -3.79 14.01 32.81
CA HIS C 194 -3.36 14.51 31.52
C HIS C 194 -2.09 15.34 31.69
N GLN C 195 -1.08 15.02 30.89
CA GLN C 195 0.22 15.68 30.96
C GLN C 195 0.57 16.19 29.58
N VAL C 196 0.91 17.48 29.50
CA VAL C 196 1.16 18.11 28.21
C VAL C 196 2.60 17.86 27.81
N GLN C 197 2.81 17.41 26.59
CA GLN C 197 4.13 17.13 26.07
C GLN C 197 4.67 18.34 25.31
N LEU C 198 5.94 18.64 25.51
CA LEU C 198 6.59 19.73 24.79
C LEU C 198 6.62 19.42 23.29
N THR C 199 6.71 20.49 22.48
CA THR C 199 6.83 20.31 21.05
C THR C 199 8.11 19.55 20.73
N ASP C 200 8.01 18.54 19.88
CA ASP C 200 9.23 17.89 19.46
C ASP C 200 10.02 18.79 18.51
N LYS C 201 11.31 18.51 18.41
CA LYS C 201 12.21 19.18 17.48
C LYS C 201 12.91 18.14 16.66
N TYR C 202 13.58 18.61 15.61
CA TYR C 202 14.48 17.79 14.80
C TYR C 202 15.81 17.62 15.52
N CYS C 203 16.34 16.40 15.51
CA CYS C 203 17.63 16.11 16.16
C CYS C 203 18.77 16.53 15.24
N SER C 204 19.30 17.73 15.48
CA SER C 204 20.21 18.34 14.53
C SER C 204 21.35 17.40 14.18
N VAL C 205 22.14 16.97 15.16
CA VAL C 205 23.32 16.16 14.89
C VAL C 205 22.94 14.84 14.20
N ASN C 206 21.68 14.40 14.34
CA ASN C 206 21.28 13.18 13.65
C ASN C 206 20.91 13.44 12.19
N VAL C 207 20.38 14.62 11.87
CA VAL C 207 20.19 14.97 10.48
C VAL C 207 21.54 15.13 9.80
N VAL C 208 22.52 15.69 10.50
CA VAL C 208 23.86 15.83 9.92
C VAL C 208 24.44 14.46 9.58
N ALA C 209 24.32 13.50 10.51
CA ALA C 209 24.77 12.12 10.27
C ALA C 209 24.10 11.53 9.02
N TRP C 210 22.78 11.64 8.95
CA TRP C 210 22.02 11.12 7.81
C TRP C 210 22.51 11.73 6.50
N LEU C 211 22.72 13.05 6.48
CA LEU C 211 23.30 13.70 5.30
C LEU C 211 24.67 13.11 4.98
N TYR C 212 25.49 12.85 6.00
CA TYR C 212 26.75 12.14 5.76
C TYR C 212 26.50 10.75 5.19
N ALA C 213 25.38 10.12 5.54
CA ALA C 213 25.07 8.81 4.97
C ALA C 213 24.80 8.94 3.47
N ALA C 214 23.93 9.89 3.11
CA ALA C 214 23.67 10.25 1.73
C ALA C 214 24.96 10.43 0.93
N ILE C 215 25.85 11.29 1.41
CA ILE C 215 27.12 11.48 0.73
C ILE C 215 27.90 10.18 0.63
N LEU C 216 27.76 9.31 1.63
CA LEU C 216 28.54 8.08 1.61
C LEU C 216 28.01 7.11 0.57
N ASN C 217 26.71 7.17 0.29
CA ASN C 217 26.08 6.33 -0.72
C ASN C 217 26.00 6.99 -2.10
N GLY C 218 26.62 8.16 -2.27
CA GLY C 218 26.68 8.82 -3.56
C GLY C 218 25.61 9.85 -3.82
N CYS C 219 24.90 10.29 -2.79
CA CYS C 219 23.86 11.31 -2.92
C CYS C 219 24.43 12.56 -2.25
N ALA C 220 25.02 13.43 -3.06
CA ALA C 220 25.71 14.61 -2.54
C ALA C 220 25.29 15.90 -3.24
N TRP C 221 24.10 15.93 -3.87
CA TRP C 221 23.74 17.13 -4.63
C TRP C 221 23.51 18.35 -3.74
N PHE C 222 23.24 18.14 -2.45
CA PHE C 222 22.98 19.24 -1.52
C PHE C 222 24.25 19.86 -0.96
N VAL C 223 25.42 19.29 -1.22
CA VAL C 223 26.67 19.84 -0.71
C VAL C 223 27.10 21.01 -1.59
N LYS C 224 27.10 22.21 -1.02
CA LYS C 224 27.58 23.40 -1.70
C LYS C 224 28.73 23.95 -0.86
N PRO C 225 29.50 24.92 -1.38
CA PRO C 225 30.65 25.43 -0.61
C PRO C 225 30.25 26.34 0.52
N ASN C 226 29.01 26.84 0.52
CA ASN C 226 28.53 27.67 1.61
C ASN C 226 28.55 26.88 2.91
N ARG C 227 28.80 27.58 4.01
CA ARG C 227 28.77 26.93 5.30
C ARG C 227 28.12 27.85 6.33
N THR C 228 27.58 27.21 7.36
CA THR C 228 27.03 27.88 8.52
C THR C 228 27.81 27.39 9.72
N SER C 229 28.26 28.30 10.57
CA SER C 229 29.01 27.91 11.74
C SER C 229 28.07 27.30 12.78
N VAL C 230 28.64 26.50 13.69
CA VAL C 230 27.81 25.85 14.70
C VAL C 230 26.99 26.89 15.46
N VAL C 231 27.60 28.03 15.77
CA VAL C 231 26.93 29.03 16.60
C VAL C 231 25.80 29.71 15.83
N SER C 232 26.03 30.01 14.55
CA SER C 232 24.98 30.59 13.72
C SER C 232 23.81 29.61 13.57
N PHE C 233 24.10 28.35 13.21
CA PHE C 233 23.05 27.34 13.14
C PHE C 233 22.24 27.27 14.42
N ASN C 234 22.92 27.33 15.57
CA ASN C 234 22.20 27.04 16.81
C ASN C 234 21.23 28.17 17.17
N GLU C 235 21.59 29.41 16.85
CA GLU C 235 20.62 30.51 16.98
C GLU C 235 19.44 30.28 16.04
N TRP C 236 19.72 30.11 14.74
CA TRP C 236 18.69 29.74 13.77
C TRP C 236 17.81 28.59 14.27
N ALA C 237 18.43 27.53 14.80
CA ALA C 237 17.67 26.37 15.28
C ALA C 237 16.60 26.74 16.30
N LEU C 238 16.86 27.75 17.15
CA LEU C 238 15.92 28.14 18.18
C LEU C 238 14.58 28.62 17.60
N ALA C 239 14.59 29.15 16.39
CA ALA C 239 13.38 29.67 15.76
C ALA C 239 12.75 28.69 14.78
N ASN C 240 13.40 27.54 14.53
CA ASN C 240 12.97 26.65 13.45
C ASN C 240 12.82 25.20 13.89
N GLN C 241 12.59 24.97 15.17
CA GLN C 241 12.21 23.64 15.67
C GLN C 241 13.30 22.62 15.38
N PHE C 242 14.55 23.03 15.53
CA PHE C 242 15.71 22.14 15.49
C PHE C 242 16.44 22.25 16.83
N THR C 243 17.07 21.15 17.24
CA THR C 243 17.88 21.17 18.44
C THR C 243 19.17 21.91 18.18
N GLU C 244 19.90 22.23 19.25
CA GLU C 244 21.24 22.75 19.09
C GLU C 244 22.15 21.65 18.59
N PHE C 245 23.08 22.00 17.72
CA PHE C 245 24.06 21.05 17.24
C PHE C 245 25.22 21.01 18.22
N VAL C 246 25.67 19.81 18.54
CA VAL C 246 26.88 19.63 19.33
C VAL C 246 27.71 18.55 18.65
N GLY C 247 28.92 18.91 18.26
CA GLY C 247 29.77 17.97 17.57
C GLY C 247 30.26 16.88 18.49
N THR C 248 30.64 15.75 17.88
CA THR C 248 31.26 14.63 18.55
C THR C 248 32.38 14.10 17.68
N GLN C 249 33.25 13.28 18.29
CA GLN C 249 34.29 12.61 17.53
C GLN C 249 33.67 11.74 16.43
N SER C 250 32.48 11.21 16.70
CA SER C 250 31.80 10.36 15.72
C SER C 250 31.40 11.16 14.49
N VAL C 251 30.87 12.39 14.68
CA VAL C 251 30.55 13.23 13.53
C VAL C 251 31.81 13.53 12.76
N ASP C 252 32.89 13.86 13.47
CA ASP C 252 34.14 14.23 12.80
C ASP C 252 34.64 13.12 11.87
N MET C 253 34.46 11.85 12.26
CA MET C 253 34.94 10.75 11.44
C MET C 253 34.27 10.75 10.06
N LEU C 254 32.94 10.91 10.03
CA LEU C 254 32.23 11.10 8.75
C LEU C 254 32.79 12.28 7.94
N ALA C 255 33.07 13.42 8.61
CA ALA C 255 33.57 14.59 7.88
C ALA C 255 34.93 14.32 7.25
N VAL C 256 35.79 13.59 7.96
CA VAL C 256 37.07 13.17 7.39
C VAL C 256 36.86 12.17 6.27
N LYS C 257 35.95 11.21 6.49
CA LYS C 257 35.72 10.13 5.52
C LYS C 257 35.14 10.66 4.22
N THR C 258 34.34 11.73 4.28
CA THR C 258 33.68 12.23 3.08
C THR C 258 34.32 13.50 2.54
N GLY C 259 35.09 14.20 3.35
CA GLY C 259 35.74 15.43 2.96
C GLY C 259 34.83 16.64 2.91
N VAL C 260 33.65 16.57 3.52
CA VAL C 260 32.75 17.72 3.63
C VAL C 260 32.64 18.10 5.10
N ALA C 261 32.80 19.39 5.37
CA ALA C 261 32.77 19.89 6.73
C ALA C 261 31.35 19.92 7.28
N ILE C 262 31.27 19.73 8.60
CA ILE C 262 30.01 19.85 9.35
C ILE C 262 29.26 21.11 8.95
N GLU C 263 29.98 22.22 8.82
CA GLU C 263 29.34 23.51 8.56
C GLU C 263 28.64 23.53 7.20
N GLN C 264 29.15 22.79 6.22
CA GLN C 264 28.48 22.74 4.92
C GLN C 264 27.11 22.12 5.07
N LEU C 265 27.01 21.06 5.89
CA LEU C 265 25.71 20.43 6.06
C LEU C 265 24.78 21.28 6.90
N LEU C 266 25.27 21.90 7.98
CA LEU C 266 24.46 22.82 8.75
C LEU C 266 23.85 23.91 7.85
N TYR C 267 24.65 24.43 6.91
CA TYR C 267 24.11 25.30 5.88
C TYR C 267 23.06 24.55 5.05
N ALA C 268 23.43 23.38 4.53
CA ALA C 268 22.51 22.57 3.75
C ALA C 268 21.18 22.33 4.47
N ILE C 269 21.23 22.04 5.79
CA ILE C 269 19.98 21.76 6.50
C ILE C 269 19.06 22.96 6.43
N GLN C 270 19.62 24.16 6.61
CA GLN C 270 18.84 25.41 6.56
C GLN C 270 18.13 25.59 5.23
N GLN C 271 18.70 25.10 4.13
CA GLN C 271 18.05 25.18 2.82
C GLN C 271 17.13 24.00 2.56
N LEU C 272 17.49 22.82 3.06
CA LEU C 272 16.62 21.65 2.88
C LEU C 272 15.35 21.75 3.73
N TYR C 273 15.42 22.51 4.83
CA TYR C 273 14.31 22.62 5.79
C TYR C 273 13.01 23.01 5.09
N THR C 274 13.04 24.13 4.35
CA THR C 274 11.83 24.58 3.65
C THR C 274 11.33 23.53 2.65
N GLY C 275 12.24 22.78 2.01
CA GLY C 275 11.87 21.77 1.00
C GLY C 275 13.03 21.33 0.12
N PHE C 276 12.88 20.22 -0.60
CA PHE C 276 13.97 19.63 -1.40
C PHE C 276 13.85 20.03 -2.87
N GLN C 277 12.84 20.83 -3.22
CA GLN C 277 12.61 21.33 -4.61
C GLN C 277 12.44 20.21 -5.66
N GLY C 278 11.62 19.20 -5.35
CA GLY C 278 11.38 18.07 -6.27
C GLY C 278 12.43 17.00 -6.17
N LYS C 279 13.42 17.23 -5.32
CA LYS C 279 14.55 16.29 -5.22
C LYS C 279 14.42 15.35 -4.03
N GLN C 280 15.06 14.20 -4.09
CA GLN C 280 15.04 13.19 -3.04
C GLN C 280 16.44 12.97 -2.49
N ILE C 281 16.53 12.62 -1.20
CA ILE C 281 17.77 12.20 -0.54
C ILE C 281 17.53 10.85 0.13
N LEU C 282 18.31 9.84 -0.25
CA LEU C 282 18.14 8.46 0.21
C LEU C 282 16.68 8.04 0.19
N GLY C 283 16.04 8.25 -0.96
CA GLY C 283 14.66 7.86 -1.16
C GLY C 283 13.66 8.61 -0.32
N SER C 284 14.04 9.74 0.27
CA SER C 284 13.14 10.49 1.12
C SER C 284 13.09 11.94 0.69
N THR C 285 11.95 12.59 0.97
CA THR C 285 11.80 14.02 0.73
C THR C 285 11.76 14.81 2.03
N MET C 286 11.81 14.15 3.17
CA MET C 286 11.88 14.80 4.46
C MET C 286 13.23 14.51 5.13
N LEU C 287 13.63 15.42 6.01
CA LEU C 287 14.83 15.21 6.79
C LEU C 287 14.62 14.02 7.74
N GLU C 288 15.61 13.16 7.83
CA GLU C 288 15.55 12.00 8.70
C GLU C 288 16.49 12.24 9.88
N ASP C 289 15.99 12.03 11.10
CA ASP C 289 16.81 12.28 12.28
C ASP C 289 16.81 11.12 13.27
N GLU C 290 16.50 9.90 12.83
CA GLU C 290 16.45 8.75 13.72
C GLU C 290 17.69 7.87 13.62
N PHE C 291 18.73 8.33 12.93
CA PHE C 291 19.97 7.61 12.78
C PHE C 291 21.09 8.51 13.24
N THR C 292 21.95 7.99 14.10
CA THR C 292 22.97 8.75 14.79
C THR C 292 24.27 8.73 14.02
N PRO C 293 25.18 9.63 14.35
CA PRO C 293 26.57 9.48 13.85
C PRO C 293 27.12 8.06 14.05
N GLU C 294 26.77 7.41 15.18
CA GLU C 294 27.34 6.09 15.44
C GLU C 294 26.71 5.01 14.56
N ASP C 295 25.38 5.06 14.38
CA ASP C 295 24.73 4.23 13.37
C ASP C 295 25.47 4.30 12.05
N VAL C 296 25.72 5.51 11.55
CA VAL C 296 26.32 5.61 10.22
C VAL C 296 27.74 5.09 10.22
N ASN C 297 28.52 5.42 11.26
CA ASN C 297 29.89 4.92 11.34
C ASN C 297 29.93 3.40 11.39
N MET C 298 29.16 2.80 12.31
CA MET C 298 29.11 1.34 12.40
C MET C 298 28.56 0.72 11.11
N GLN C 299 27.44 1.23 10.59
CA GLN C 299 26.77 0.55 9.49
C GLN C 299 27.36 0.86 8.10
N ILE C 300 28.12 1.94 7.98
CA ILE C 300 28.70 2.32 6.69
C ILE C 300 30.20 2.49 6.91
N MET C 301 30.89 1.37 7.13
CA MET C 301 32.29 1.38 7.56
C MET C 301 33.22 0.81 6.48
N LEU D 3 9.54 -9.66 -49.72
CA LEU D 3 9.75 -9.89 -48.29
C LEU D 3 10.44 -8.70 -47.63
N VAL D 4 9.86 -7.49 -47.71
CA VAL D 4 10.54 -6.28 -47.29
C VAL D 4 9.82 -5.66 -46.09
N LYS D 5 10.59 -4.97 -45.25
CA LYS D 5 10.05 -4.25 -44.10
C LYS D 5 9.65 -2.83 -44.51
N MET D 6 8.39 -2.50 -44.32
CA MET D 6 7.80 -1.29 -44.89
C MET D 6 7.15 -0.45 -43.82
N SER D 7 7.53 0.80 -43.73
CA SER D 7 6.85 1.71 -42.83
C SER D 7 5.68 2.41 -43.53
N HIS D 8 4.81 2.99 -42.73
CA HIS D 8 3.86 3.93 -43.30
C HIS D 8 4.59 5.20 -43.70
N PRO D 9 4.13 5.85 -44.77
CA PRO D 9 4.55 7.23 -45.03
C PRO D 9 4.36 8.06 -43.77
N SER D 10 5.37 8.85 -43.42
CA SER D 10 5.42 9.57 -42.15
C SER D 10 5.11 11.05 -42.27
N GLY D 11 4.65 11.51 -43.44
CA GLY D 11 4.37 12.93 -43.61
C GLY D 11 3.38 13.46 -42.57
N ASP D 12 2.34 12.69 -42.27
CA ASP D 12 1.34 13.15 -41.31
C ASP D 12 1.94 13.29 -39.92
N VAL D 13 2.79 12.35 -39.52
CA VAL D 13 3.33 12.44 -38.16
C VAL D 13 4.40 13.51 -38.08
N GLU D 14 5.13 13.75 -39.17
CA GLU D 14 6.17 14.77 -39.13
C GLU D 14 5.58 16.13 -38.78
N ALA D 15 4.36 16.41 -39.24
CA ALA D 15 3.73 17.70 -38.99
C ALA D 15 3.33 17.91 -37.53
N CYS D 16 3.42 16.88 -36.68
CA CYS D 16 3.05 17.01 -35.28
C CYS D 16 4.24 16.94 -34.33
N MET D 17 5.47 16.86 -34.84
CA MET D 17 6.59 16.72 -33.92
C MET D 17 7.01 18.09 -33.43
N VAL D 18 7.43 18.14 -32.17
CA VAL D 18 7.82 19.38 -31.52
C VAL D 18 8.94 19.04 -30.56
N GLN D 19 9.64 20.07 -30.12
CA GLN D 19 10.68 19.92 -29.11
C GLN D 19 10.17 20.48 -27.80
N VAL D 20 10.42 19.76 -26.71
CA VAL D 20 10.00 20.18 -25.38
C VAL D 20 11.23 20.28 -24.49
N THR D 21 11.40 21.43 -23.86
CA THR D 21 12.50 21.66 -22.94
C THR D 21 11.95 22.00 -21.57
N CYS D 22 12.43 21.28 -20.56
CA CYS D 22 12.19 21.59 -19.14
C CYS D 22 13.57 21.81 -18.52
N GLY D 23 13.88 23.06 -18.21
CA GLY D 23 15.20 23.38 -17.70
C GLY D 23 16.26 22.94 -18.69
N SER D 24 17.26 22.19 -18.18
CA SER D 24 18.37 21.77 -19.02
C SER D 24 18.05 20.56 -19.90
N MET D 25 16.98 19.85 -19.62
CA MET D 25 16.66 18.63 -20.38
C MET D 25 15.73 18.92 -21.57
N THR D 26 16.05 18.34 -22.71
CA THR D 26 15.26 18.55 -23.94
C THR D 26 14.93 17.21 -24.58
N LEU D 27 13.78 17.14 -25.22
CA LEU D 27 13.32 15.93 -25.91
C LEU D 27 12.14 16.20 -26.83
N ASN D 28 11.65 15.17 -27.48
CA ASN D 28 10.59 15.31 -28.49
C ASN D 28 9.19 15.16 -27.90
N GLY D 29 8.25 15.95 -28.37
CA GLY D 29 6.86 15.79 -28.00
C GLY D 29 6.00 15.58 -29.23
N LEU D 30 4.77 15.14 -28.98
CA LEU D 30 3.77 14.97 -30.02
C LEU D 30 2.64 15.98 -29.79
N TRP D 31 2.50 16.92 -30.74
CA TRP D 31 1.53 18.00 -30.66
C TRP D 31 0.25 17.60 -31.40
N LEU D 32 -0.84 17.48 -30.67
CA LEU D 32 -2.13 17.08 -31.25
C LEU D 32 -3.20 17.97 -30.61
N ASP D 33 -3.94 18.71 -31.41
CA ASP D 33 -4.97 19.66 -30.90
C ASP D 33 -4.26 20.67 -30.00
N ASN D 34 -4.69 20.86 -28.75
CA ASN D 34 -3.99 21.75 -27.83
C ASN D 34 -3.03 21.02 -26.91
N THR D 35 -2.74 19.76 -27.20
CA THR D 35 -2.08 18.89 -26.26
C THR D 35 -0.74 18.46 -26.84
N VAL D 36 0.29 18.45 -25.99
CA VAL D 36 1.63 18.04 -26.37
C VAL D 36 2.08 16.95 -25.41
N TRP D 37 2.24 15.74 -25.92
CA TRP D 37 2.67 14.61 -25.13
C TRP D 37 4.18 14.47 -25.15
N CYS D 38 4.77 14.13 -24.01
CA CYS D 38 6.19 13.85 -23.99
C CYS D 38 6.49 12.99 -22.78
N PRO D 39 7.63 12.32 -22.75
CA PRO D 39 8.02 11.53 -21.57
C PRO D 39 8.14 12.41 -20.33
N ARG D 40 7.66 11.91 -19.20
CA ARG D 40 7.72 12.75 -18.01
C ARG D 40 9.16 12.96 -17.56
N HIS D 41 10.11 12.13 -18.01
CA HIS D 41 11.47 12.26 -17.47
C HIS D 41 12.23 13.46 -18.02
N VAL D 42 11.57 14.32 -18.81
CA VAL D 42 12.05 15.68 -19.07
C VAL D 42 12.18 16.46 -17.77
N MET D 43 11.40 16.09 -16.74
CA MET D 43 11.41 16.83 -15.48
C MET D 43 12.55 16.42 -14.57
N CYS D 44 13.07 15.20 -14.73
CA CYS D 44 14.03 14.59 -13.83
C CYS D 44 15.43 15.20 -13.97
N PRO D 45 15.92 15.93 -12.96
CA PRO D 45 17.33 16.36 -12.96
C PRO D 45 18.28 15.19 -12.97
N ALA D 46 19.51 15.41 -13.41
CA ALA D 46 20.56 14.34 -13.47
C ALA D 46 20.83 13.75 -12.10
N ASP D 47 20.67 14.52 -11.03
CA ASP D 47 20.83 14.04 -9.63
C ASP D 47 19.83 12.91 -9.35
N GLN D 48 18.62 13.00 -9.90
CA GLN D 48 17.53 12.07 -9.56
C GLN D 48 17.35 10.95 -10.57
N LEU D 49 18.25 10.79 -11.52
CA LEU D 49 18.05 9.77 -12.59
C LEU D 49 17.87 8.34 -12.05
N SER D 50 18.66 7.95 -11.05
CA SER D 50 18.57 6.62 -10.43
C SER D 50 17.27 6.38 -9.64
N ASP D 51 16.79 7.40 -8.91
CA ASP D 51 15.57 7.24 -8.07
C ASP D 51 14.69 8.48 -8.18
N PRO D 52 13.96 8.64 -9.29
CA PRO D 52 13.16 9.83 -9.49
C PRO D 52 11.83 9.93 -8.75
N ASN D 53 11.54 11.05 -8.08
CA ASN D 53 10.20 11.27 -7.46
C ASN D 53 9.42 12.21 -8.37
N TYR D 54 8.60 11.65 -9.24
CA TYR D 54 7.97 12.48 -10.26
C TYR D 54 6.87 13.35 -9.68
N ASP D 55 6.13 12.81 -8.71
CA ASP D 55 5.12 13.63 -8.07
C ASP D 55 5.76 14.87 -7.47
N ALA D 56 6.88 14.69 -6.77
CA ALA D 56 7.60 15.83 -6.19
C ALA D 56 8.13 16.75 -7.29
N LEU D 57 8.76 16.17 -8.32
CA LEU D 57 9.19 16.97 -9.46
C LEU D 57 8.03 17.71 -10.10
N LEU D 58 6.90 17.02 -10.30
CA LEU D 58 5.74 17.67 -10.91
C LEU D 58 5.25 18.83 -10.06
N ILE D 59 5.01 18.59 -8.77
CA ILE D 59 4.59 19.66 -7.86
C ILE D 59 5.51 20.87 -7.97
N SER D 60 6.78 20.64 -8.21
CA SER D 60 7.75 21.73 -8.28
C SER D 60 7.64 22.57 -9.55
N MET D 61 6.95 22.04 -10.57
CA MET D 61 6.90 22.75 -11.86
C MET D 61 5.73 23.72 -11.95
N THR D 62 5.96 24.84 -12.63
CA THR D 62 4.87 25.77 -12.98
C THR D 62 4.67 25.54 -14.48
N ASN D 63 3.76 26.24 -15.11
CA ASN D 63 3.65 26.15 -16.59
C ASN D 63 4.91 26.74 -17.23
N HIS D 64 5.56 27.72 -16.61
CA HIS D 64 6.73 28.36 -17.19
C HIS D 64 7.98 27.51 -17.16
N SER D 65 7.98 26.40 -16.42
CA SER D 65 9.13 25.50 -16.44
C SER D 65 9.25 24.73 -17.75
N PHE D 66 8.21 24.75 -18.59
CA PHE D 66 8.17 23.97 -19.81
C PHE D 66 8.24 24.90 -21.02
N SER D 67 8.96 24.47 -22.05
CA SER D 67 9.08 25.20 -23.30
C SER D 67 8.81 24.25 -24.47
N VAL D 68 7.97 24.68 -25.41
CA VAL D 68 7.64 23.87 -26.59
C VAL D 68 7.99 24.65 -27.84
N GLN D 69 8.88 24.09 -28.67
CA GLN D 69 9.32 24.69 -29.92
C GLN D 69 8.94 23.78 -31.09
N LYS D 70 8.44 24.38 -32.17
CA LYS D 70 8.19 23.66 -33.42
C LYS D 70 9.22 24.12 -34.43
N HIS D 71 10.08 23.19 -34.86
CA HIS D 71 11.20 23.50 -35.74
C HIS D 71 10.94 23.17 -37.21
N ILE D 72 10.00 22.27 -37.50
CA ILE D 72 9.75 21.78 -38.87
C ILE D 72 8.36 22.29 -39.26
N GLY D 73 8.06 22.39 -40.55
CA GLY D 73 6.78 22.96 -40.99
C GLY D 73 6.65 24.43 -40.66
N ALA D 74 5.43 24.88 -40.36
CA ALA D 74 5.17 26.30 -39.97
C ALA D 74 5.79 26.56 -38.62
N PRO D 75 6.96 27.21 -38.52
CA PRO D 75 7.69 27.33 -37.26
C PRO D 75 6.92 28.24 -36.31
N ALA D 76 7.08 28.01 -35.01
CA ALA D 76 6.34 28.82 -34.01
C ALA D 76 6.83 28.49 -32.62
N ASN D 77 6.38 29.26 -31.65
CA ASN D 77 6.63 28.91 -30.23
C ASN D 77 5.22 28.84 -29.65
N LEU D 78 4.95 27.77 -28.94
CA LEU D 78 3.65 27.60 -28.32
C LEU D 78 3.81 27.97 -26.86
N ARG D 79 2.82 28.59 -26.26
CA ARG D 79 2.87 28.88 -24.84
C ARG D 79 2.29 27.69 -24.10
N VAL D 80 3.04 27.17 -23.12
CA VAL D 80 2.51 26.17 -22.21
C VAL D 80 1.57 26.86 -21.23
N VAL D 81 0.31 26.39 -21.18
CA VAL D 81 -0.70 26.93 -20.29
C VAL D 81 -1.30 25.85 -19.39
N GLY D 82 -0.68 24.69 -19.32
CA GLY D 82 -1.20 23.63 -18.49
C GLY D 82 -0.32 22.40 -18.54
N HIS D 83 -0.01 21.83 -17.39
CA HIS D 83 0.74 20.58 -17.32
C HIS D 83 -0.03 19.58 -16.47
N ALA D 84 0.08 18.31 -16.86
CA ALA D 84 -0.49 17.22 -16.09
C ALA D 84 0.37 16.01 -16.38
N MET D 85 0.31 15.02 -15.49
CA MET D 85 1.06 13.79 -15.64
C MET D 85 0.08 12.65 -15.87
N GLN D 86 0.41 11.76 -16.81
CA GLN D 86 -0.47 10.65 -17.16
C GLN D 86 0.40 9.41 -17.27
N GLY D 87 0.50 8.66 -16.18
CA GLY D 87 1.38 7.52 -16.18
C GLY D 87 2.82 7.97 -16.29
N THR D 88 3.54 7.40 -17.24
CA THR D 88 4.90 7.83 -17.50
C THR D 88 5.00 8.95 -18.54
N LEU D 89 3.89 9.59 -18.90
CA LEU D 89 3.92 10.64 -19.92
C LEU D 89 3.50 11.98 -19.33
N LEU D 90 3.99 13.05 -19.92
CA LEU D 90 3.56 14.39 -19.57
C LEU D 90 2.55 14.85 -20.62
N LYS D 91 1.43 15.42 -20.16
CA LYS D 91 0.40 15.96 -21.05
C LYS D 91 0.33 17.47 -20.81
N LEU D 92 0.95 18.26 -21.68
CA LEU D 92 0.93 19.71 -21.57
C LEU D 92 -0.15 20.30 -22.46
N THR D 93 -0.70 21.42 -22.03
CA THR D 93 -1.75 22.12 -22.76
C THR D 93 -1.15 23.42 -23.29
N VAL D 94 -1.23 23.63 -24.59
CA VAL D 94 -0.62 24.81 -25.20
C VAL D 94 -1.71 25.74 -25.70
N ASP D 95 -1.29 26.94 -26.10
CA ASP D 95 -2.18 28.02 -26.48
C ASP D 95 -2.74 27.90 -27.90
N VAL D 96 -2.07 27.14 -28.77
CA VAL D 96 -2.51 27.00 -30.15
C VAL D 96 -2.83 25.55 -30.44
N ALA D 97 -3.90 25.31 -31.21
CA ALA D 97 -4.24 23.97 -31.64
C ALA D 97 -3.56 23.66 -32.97
N ASN D 98 -2.81 22.55 -33.01
CA ASN D 98 -2.11 22.11 -34.21
C ASN D 98 -3.07 22.07 -35.39
N PRO D 99 -2.90 22.96 -36.37
CA PRO D 99 -3.81 22.95 -37.52
C PRO D 99 -3.67 21.70 -38.39
N SER D 100 -2.54 20.99 -38.31
CA SER D 100 -2.35 19.75 -39.05
C SER D 100 -2.65 18.54 -38.19
N THR D 101 -3.49 18.69 -37.16
CA THR D 101 -3.83 17.57 -36.30
C THR D 101 -4.56 16.51 -37.11
N PRO D 102 -3.95 15.35 -37.32
CA PRO D 102 -4.59 14.32 -38.13
C PRO D 102 -5.71 13.66 -37.33
N ALA D 103 -6.60 12.98 -38.05
CA ALA D 103 -7.51 12.07 -37.39
C ALA D 103 -6.69 10.98 -36.71
N TYR D 104 -6.78 10.90 -35.38
CA TYR D 104 -5.95 9.98 -34.61
C TYR D 104 -6.75 9.18 -33.60
N THR D 105 -6.17 8.05 -33.20
CA THR D 105 -6.63 7.27 -32.05
C THR D 105 -5.41 6.90 -31.20
N PHE D 106 -5.70 6.41 -30.00
CA PHE D 106 -4.69 5.89 -29.08
C PHE D 106 -5.04 4.45 -28.79
N THR D 107 -4.17 3.53 -29.18
CA THR D 107 -4.37 2.12 -28.88
C THR D 107 -3.05 1.53 -28.44
N THR D 108 -3.12 0.52 -27.58
CA THR D 108 -1.92 -0.17 -27.15
C THR D 108 -1.69 -1.34 -28.09
N VAL D 109 -0.46 -1.49 -28.62
CA VAL D 109 -0.19 -2.60 -29.52
C VAL D 109 0.12 -3.84 -28.68
N LYS D 110 -0.21 -4.99 -29.22
CA LYS D 110 -0.05 -6.30 -28.65
C LYS D 110 1.19 -6.98 -29.22
N PRO D 111 1.88 -7.81 -28.44
CA PRO D 111 3.09 -8.46 -28.95
C PRO D 111 2.82 -9.13 -30.29
N GLY D 112 3.81 -9.09 -31.17
CA GLY D 112 3.66 -9.53 -32.54
C GLY D 112 3.16 -8.48 -33.51
N ALA D 113 2.56 -7.41 -33.04
CA ALA D 113 2.04 -6.43 -34.00
C ALA D 113 3.16 -5.49 -34.46
N ALA D 114 3.05 -5.07 -35.72
CA ALA D 114 4.03 -4.21 -36.38
C ALA D 114 3.58 -2.77 -36.35
N PHE D 115 4.49 -1.84 -36.07
CA PHE D 115 4.15 -0.44 -36.25
C PHE D 115 5.36 0.30 -36.83
N SER D 116 5.11 1.54 -37.23
CA SER D 116 6.10 2.41 -37.82
C SER D 116 6.63 3.39 -36.78
N VAL D 117 7.94 3.59 -36.75
CA VAL D 117 8.57 4.54 -35.83
C VAL D 117 9.12 5.72 -36.62
N LEU D 118 8.71 6.93 -36.24
CA LEU D 118 9.39 8.14 -36.69
C LEU D 118 10.38 8.58 -35.61
N ALA D 119 11.66 8.36 -35.85
CA ALA D 119 12.72 8.78 -34.94
C ALA D 119 13.01 10.26 -35.13
N CYS D 120 12.98 11.04 -34.04
CA CYS D 120 13.28 12.46 -34.13
C CYS D 120 14.32 12.84 -33.09
N TYR D 121 14.96 13.99 -33.34
CA TYR D 121 16.01 14.54 -32.50
C TYR D 121 15.85 16.06 -32.50
N ASN D 122 15.77 16.64 -31.30
CA ASN D 122 15.48 18.08 -31.13
C ASN D 122 14.21 18.51 -31.87
N GLY D 123 13.22 17.61 -31.89
CA GLY D 123 11.99 17.91 -32.57
C GLY D 123 12.05 17.84 -34.07
N ARG D 124 13.10 17.24 -34.63
CA ARG D 124 13.26 17.16 -36.08
C ARG D 124 13.30 15.70 -36.49
N PRO D 125 12.38 15.26 -37.36
CA PRO D 125 12.42 13.87 -37.81
C PRO D 125 13.68 13.61 -38.61
N THR D 126 14.29 12.45 -38.38
CA THR D 126 15.53 12.10 -39.06
C THR D 126 15.50 10.72 -39.68
N GLY D 127 14.58 9.87 -39.29
CA GLY D 127 14.58 8.50 -39.78
C GLY D 127 13.27 7.83 -39.46
N THR D 128 12.93 6.84 -40.29
CA THR D 128 11.71 6.03 -40.11
C THR D 128 12.04 4.54 -40.28
N PHE D 129 11.38 3.69 -39.51
CA PHE D 129 11.63 2.24 -39.53
C PHE D 129 10.40 1.51 -39.02
N THR D 130 10.35 0.21 -39.21
CA THR D 130 9.23 -0.59 -38.70
C THR D 130 9.74 -1.60 -37.69
N VAL D 131 8.95 -1.86 -36.67
CA VAL D 131 9.27 -2.86 -35.67
C VAL D 131 8.01 -3.63 -35.30
N VAL D 132 8.20 -4.87 -34.85
CA VAL D 132 7.13 -5.64 -34.22
C VAL D 132 7.36 -5.63 -32.71
N MET D 133 6.28 -5.49 -31.96
CA MET D 133 6.41 -5.49 -30.52
C MET D 133 6.77 -6.89 -30.05
N ARG D 134 7.87 -7.01 -29.26
CA ARG D 134 8.29 -8.36 -28.87
C ARG D 134 7.43 -8.88 -27.71
N PRO D 135 7.30 -10.21 -27.59
CA PRO D 135 6.58 -10.77 -26.45
C PRO D 135 7.14 -10.39 -25.08
N ASN D 136 8.40 -10.00 -24.97
CA ASN D 136 8.81 -9.40 -23.71
C ASN D 136 8.55 -7.90 -23.70
N TYR D 137 7.72 -7.41 -24.62
CA TYR D 137 7.27 -6.02 -24.61
C TYR D 137 8.46 -5.06 -24.76
N THR D 138 9.41 -5.46 -25.58
CA THR D 138 10.45 -4.57 -26.07
C THR D 138 10.37 -4.51 -27.59
N ILE D 139 11.12 -3.56 -28.18
CA ILE D 139 11.28 -3.47 -29.63
C ILE D 139 12.77 -3.41 -29.93
N LYS D 140 13.16 -4.04 -31.05
CA LYS D 140 14.53 -3.97 -31.55
C LYS D 140 14.61 -2.74 -32.44
N GLY D 141 14.86 -1.60 -31.80
CA GLY D 141 14.91 -0.33 -32.48
C GLY D 141 16.32 0.13 -32.76
N SER D 142 16.42 1.39 -33.18
CA SER D 142 17.68 2.08 -33.44
C SER D 142 17.48 3.50 -32.96
N PHE D 143 17.94 3.76 -31.73
CA PHE D 143 17.71 4.97 -30.96
C PHE D 143 19.02 5.41 -30.32
N LEU D 144 19.26 6.72 -30.32
CA LEU D 144 20.40 7.34 -29.65
C LEU D 144 19.94 8.42 -28.66
N CYS D 145 20.89 9.01 -27.96
CA CYS D 145 20.56 10.07 -27.01
C CYS D 145 19.84 11.20 -27.73
N GLY D 146 18.74 11.66 -27.15
CA GLY D 146 17.92 12.70 -27.71
C GLY D 146 16.72 12.20 -28.49
N SER D 147 16.56 10.89 -28.63
CA SER D 147 15.47 10.34 -29.41
C SER D 147 14.20 10.15 -28.59
N CYS D 148 14.26 10.32 -27.27
CA CYS D 148 13.07 10.16 -26.45
C CYS D 148 11.97 11.13 -26.86
N GLY D 149 10.74 10.63 -26.85
CA GLY D 149 9.61 11.33 -27.41
C GLY D 149 9.26 10.93 -28.82
N SER D 150 10.15 10.20 -29.51
CA SER D 150 9.85 9.71 -30.85
C SER D 150 8.71 8.71 -30.83
N VAL D 151 7.90 8.74 -31.88
CA VAL D 151 6.56 8.18 -31.83
C VAL D 151 6.44 6.99 -32.78
N GLY D 152 5.81 5.92 -32.29
CA GLY D 152 5.36 4.84 -33.12
C GLY D 152 3.85 4.90 -33.33
N TYR D 153 3.40 4.40 -34.48
CA TYR D 153 2.03 4.57 -34.94
C TYR D 153 1.73 3.61 -36.09
N THR D 154 0.44 3.32 -36.24
CA THR D 154 -0.11 2.64 -37.41
C THR D 154 -1.19 3.51 -38.02
N LYS D 155 -1.46 3.32 -39.31
CA LYS D 155 -2.56 4.03 -39.97
C LYS D 155 -3.58 3.02 -40.45
N GLU D 156 -4.80 3.14 -39.95
CA GLU D 156 -5.94 2.38 -40.46
C GLU D 156 -6.70 3.28 -41.44
N GLY D 157 -6.31 3.23 -42.71
CA GLY D 157 -6.88 4.16 -43.66
C GLY D 157 -6.43 5.59 -43.40
N SER D 158 -7.36 6.46 -43.01
CA SER D 158 -7.04 7.86 -42.74
C SER D 158 -6.74 8.13 -41.27
N VAL D 159 -7.00 7.17 -40.39
CA VAL D 159 -6.80 7.34 -38.97
C VAL D 159 -5.40 6.90 -38.59
N ILE D 160 -4.65 7.78 -37.92
CA ILE D 160 -3.33 7.46 -37.38
C ILE D 160 -3.54 6.92 -35.97
N ASN D 161 -3.08 5.71 -35.71
CA ASN D 161 -3.17 5.16 -34.36
C ASN D 161 -1.80 5.27 -33.69
N PHE D 162 -1.64 6.28 -32.85
CA PHE D 162 -0.43 6.44 -32.07
C PHE D 162 -0.39 5.38 -30.98
N CYS D 163 0.68 4.55 -30.98
CA CYS D 163 0.74 3.42 -30.07
C CYS D 163 2.01 3.34 -29.23
N TYR D 164 2.93 4.29 -29.35
CA TYR D 164 4.23 4.17 -28.72
C TYR D 164 4.91 5.55 -28.66
N MET D 165 5.50 5.86 -27.49
CA MET D 165 6.35 7.07 -27.29
C MET D 165 7.64 6.59 -26.60
N HIS D 166 8.79 6.74 -27.26
CA HIS D 166 10.08 6.16 -26.82
C HIS D 166 10.62 6.72 -25.52
N GLN D 167 11.07 5.81 -24.65
CA GLN D 167 11.50 6.24 -23.31
C GLN D 167 12.92 5.76 -22.94
N MET D 168 13.34 4.60 -23.42
CA MET D 168 14.63 4.04 -22.95
C MET D 168 15.25 2.89 -23.76
N GLU D 169 16.56 2.71 -23.59
CA GLU D 169 17.27 1.56 -24.19
C GLU D 169 17.45 0.58 -23.04
N LEU D 170 17.36 -0.72 -23.24
CA LEU D 170 17.64 -1.63 -22.11
C LEU D 170 19.12 -2.03 -22.11
N ALA D 171 19.50 -3.04 -21.31
CA ALA D 171 20.90 -3.47 -21.17
C ALA D 171 21.36 -3.96 -22.52
N ASN D 172 20.48 -4.68 -23.20
CA ASN D 172 20.77 -5.02 -24.61
C ASN D 172 20.48 -3.78 -25.43
N GLY D 173 20.73 -3.80 -26.72
CA GLY D 173 20.35 -2.65 -27.54
C GLY D 173 18.90 -2.73 -27.90
N THR D 174 18.08 -2.94 -26.91
CA THR D 174 16.65 -3.16 -27.14
C THR D 174 15.83 -2.09 -26.40
N HIS D 175 14.64 -1.79 -26.93
CA HIS D 175 14.00 -0.53 -26.59
C HIS D 175 12.56 -0.69 -26.12
N THR D 176 12.15 0.22 -25.25
CA THR D 176 10.75 0.30 -24.84
C THR D 176 10.35 1.75 -24.61
N GLY D 177 9.04 1.94 -24.56
CA GLY D 177 8.45 3.24 -24.38
C GLY D 177 7.07 3.09 -23.79
N SER D 178 6.27 4.15 -23.91
CA SER D 178 4.93 4.20 -23.31
C SER D 178 3.85 4.16 -24.39
N ALA D 179 2.75 3.50 -24.07
CA ALA D 179 1.52 3.69 -24.84
C ALA D 179 0.88 4.99 -24.41
N PHE D 180 -0.04 5.49 -25.22
CA PHE D 180 -0.49 6.85 -24.95
C PHE D 180 -1.51 6.90 -23.84
N ASP D 181 -1.93 5.76 -23.28
CA ASP D 181 -2.57 5.80 -21.98
C ASP D 181 -1.58 6.20 -20.89
N GLY D 182 -0.29 6.21 -21.19
CA GLY D 182 0.74 6.59 -20.25
C GLY D 182 1.44 5.43 -19.56
N THR D 183 1.07 4.20 -19.88
CA THR D 183 1.71 3.03 -19.27
C THR D 183 2.92 2.60 -20.10
N MET D 184 3.94 2.12 -19.42
CA MET D 184 5.14 1.59 -20.10
C MET D 184 4.94 0.16 -20.57
N TYR D 185 5.39 -0.13 -21.77
CA TYR D 185 5.32 -1.50 -22.27
C TYR D 185 6.26 -2.35 -21.40
N GLY D 186 5.84 -3.56 -21.03
CA GLY D 186 6.66 -4.46 -20.22
C GLY D 186 6.73 -4.06 -18.77
N ALA D 187 5.99 -3.05 -18.38
CA ALA D 187 5.99 -2.54 -17.00
C ALA D 187 7.41 -2.12 -16.59
N PHE D 188 8.18 -1.68 -17.57
CA PHE D 188 9.52 -1.17 -17.24
C PHE D 188 9.36 0.18 -16.58
N MET D 189 10.30 0.52 -15.73
CA MET D 189 10.19 1.77 -14.97
C MET D 189 11.02 2.89 -15.58
N ASP D 190 10.51 4.10 -15.46
CA ASP D 190 11.24 5.28 -15.95
C ASP D 190 12.24 5.73 -14.88
N LYS D 191 13.14 4.82 -14.52
CA LYS D 191 14.23 5.12 -13.57
C LYS D 191 15.49 4.48 -14.15
N GLN D 192 16.65 5.10 -13.94
CA GLN D 192 17.94 4.62 -14.49
C GLN D 192 18.50 3.50 -13.62
N VAL D 193 17.88 2.34 -13.69
CA VAL D 193 18.32 1.17 -12.91
C VAL D 193 18.34 0.01 -13.87
N HIS D 194 19.27 -0.92 -13.66
CA HIS D 194 19.32 -2.12 -14.51
C HIS D 194 18.03 -2.89 -14.32
N GLN D 195 17.29 -3.05 -15.40
CA GLN D 195 16.07 -3.84 -15.34
C GLN D 195 16.25 -5.05 -16.24
N VAL D 196 15.41 -6.05 -16.03
CA VAL D 196 15.58 -7.36 -16.62
C VAL D 196 14.43 -7.60 -17.58
N GLN D 197 14.75 -7.69 -18.88
CA GLN D 197 13.78 -8.14 -19.86
C GLN D 197 13.29 -9.54 -19.47
N LEU D 198 12.03 -9.84 -19.77
CA LEU D 198 11.63 -11.22 -19.75
C LEU D 198 12.27 -11.93 -20.94
N THR D 199 12.60 -13.20 -20.77
CA THR D 199 13.19 -13.92 -21.87
C THR D 199 12.23 -13.86 -23.06
N ASP D 200 12.76 -13.48 -24.21
CA ASP D 200 11.93 -13.35 -25.39
C ASP D 200 11.37 -14.70 -25.81
N LYS D 201 10.35 -14.63 -26.66
CA LYS D 201 9.74 -15.79 -27.28
C LYS D 201 9.59 -15.48 -28.76
N TYR D 202 9.13 -16.47 -29.51
CA TYR D 202 8.82 -16.26 -30.92
C TYR D 202 7.33 -15.92 -31.07
N CYS D 203 7.02 -15.01 -31.99
CA CYS D 203 5.63 -14.62 -32.27
C CYS D 203 5.04 -15.68 -33.17
N SER D 204 4.21 -16.56 -32.59
CA SER D 204 3.69 -17.72 -33.30
C SER D 204 2.86 -17.32 -34.52
N VAL D 205 1.97 -16.34 -34.38
CA VAL D 205 1.16 -15.91 -35.51
C VAL D 205 1.99 -15.34 -36.65
N ASN D 206 3.21 -14.88 -36.35
CA ASN D 206 4.04 -14.32 -37.39
C ASN D 206 4.95 -15.35 -38.05
N VAL D 207 5.33 -16.41 -37.34
CA VAL D 207 6.01 -17.52 -38.02
C VAL D 207 5.06 -18.20 -39.00
N VAL D 208 3.79 -18.33 -38.61
CA VAL D 208 2.79 -18.90 -39.52
C VAL D 208 2.73 -18.07 -40.79
N ALA D 209 2.56 -16.74 -40.65
CA ALA D 209 2.52 -15.88 -41.82
C ALA D 209 3.78 -16.04 -42.65
N TRP D 210 4.94 -16.11 -42.00
CA TRP D 210 6.21 -16.25 -42.72
C TRP D 210 6.22 -17.47 -43.62
N LEU D 211 5.73 -18.59 -43.10
CA LEU D 211 5.67 -19.82 -43.88
C LEU D 211 4.54 -19.80 -44.92
N TYR D 212 3.45 -19.07 -44.65
CA TYR D 212 2.44 -18.90 -45.70
C TYR D 212 2.99 -18.08 -46.86
N ALA D 213 4.00 -17.26 -46.60
CA ALA D 213 4.65 -16.56 -47.69
C ALA D 213 5.55 -17.52 -48.46
N ALA D 214 6.24 -18.41 -47.74
CA ALA D 214 7.04 -19.43 -48.40
C ALA D 214 6.20 -20.27 -49.36
N ILE D 215 5.07 -20.80 -48.88
CA ILE D 215 4.21 -21.60 -49.76
C ILE D 215 3.79 -20.78 -50.95
N LEU D 216 3.47 -19.50 -50.74
CA LEU D 216 3.10 -18.64 -51.85
C LEU D 216 4.26 -18.44 -52.82
N ASN D 217 5.47 -18.41 -52.26
CA ASN D 217 6.67 -18.20 -53.11
C ASN D 217 7.45 -19.49 -53.30
N GLY D 218 6.77 -20.61 -53.51
CA GLY D 218 7.45 -21.89 -53.83
C GLY D 218 8.40 -22.46 -52.80
N CYS D 219 8.07 -22.44 -51.51
CA CYS D 219 8.89 -23.17 -50.50
C CYS D 219 7.95 -23.97 -49.59
N ALA D 220 7.40 -25.08 -50.07
CA ALA D 220 6.44 -25.91 -49.29
C ALA D 220 7.07 -27.21 -48.75
N TRP D 221 8.39 -27.30 -48.67
CA TRP D 221 9.00 -28.56 -48.22
C TRP D 221 8.50 -28.97 -46.84
N PHE D 222 8.45 -28.03 -45.90
CA PHE D 222 8.08 -28.35 -44.52
C PHE D 222 6.64 -28.85 -44.41
N VAL D 223 5.79 -28.47 -45.37
CA VAL D 223 4.35 -28.75 -45.26
C VAL D 223 4.12 -30.25 -45.30
N LYS D 224 3.60 -30.79 -44.20
CA LYS D 224 3.20 -32.18 -44.15
C LYS D 224 1.70 -32.27 -43.91
N PRO D 225 1.05 -33.38 -44.31
CA PRO D 225 -0.38 -33.58 -43.99
C PRO D 225 -0.66 -33.77 -42.50
N ASN D 226 0.38 -33.65 -41.68
CA ASN D 226 0.25 -33.75 -40.24
C ASN D 226 -0.04 -32.39 -39.62
N ARG D 227 -0.97 -32.36 -38.67
CA ARG D 227 -1.48 -31.12 -38.10
C ARG D 227 -1.54 -31.19 -36.58
N THR D 228 -1.47 -30.02 -35.95
CA THR D 228 -1.54 -29.85 -34.49
C THR D 228 -2.58 -28.79 -34.18
N SER D 229 -3.39 -29.03 -33.15
CA SER D 229 -4.43 -28.06 -32.80
C SER D 229 -3.81 -26.76 -32.25
N VAL D 230 -4.60 -25.70 -32.26
CA VAL D 230 -4.18 -24.44 -31.66
C VAL D 230 -3.91 -24.61 -30.18
N VAL D 231 -4.81 -25.31 -29.49
CA VAL D 231 -4.74 -25.37 -28.03
C VAL D 231 -3.57 -26.22 -27.57
N SER D 232 -3.28 -27.31 -28.30
CA SER D 232 -2.17 -28.19 -27.91
C SER D 232 -0.82 -27.50 -28.14
N PHE D 233 -0.64 -26.89 -29.32
CA PHE D 233 0.53 -26.05 -29.56
C PHE D 233 0.65 -24.98 -28.49
N ASN D 234 -0.44 -24.27 -28.20
CA ASN D 234 -0.43 -23.22 -27.18
C ASN D 234 0.26 -23.73 -25.92
N GLU D 235 -0.28 -24.80 -25.33
CA GLU D 235 0.31 -25.41 -24.14
C GLU D 235 1.79 -25.72 -24.33
N TRP D 236 2.14 -26.35 -25.46
CA TRP D 236 3.54 -26.59 -25.78
C TRP D 236 4.32 -25.29 -25.87
N ALA D 237 3.70 -24.25 -26.44
CA ALA D 237 4.38 -22.99 -26.64
C ALA D 237 4.77 -22.35 -25.32
N LEU D 238 3.95 -22.52 -24.27
CA LEU D 238 4.24 -21.90 -22.98
C LEU D 238 5.52 -22.45 -22.32
N ALA D 239 6.04 -23.59 -22.77
CA ALA D 239 7.25 -24.14 -22.19
C ALA D 239 8.44 -24.16 -23.15
N ASN D 240 8.21 -23.95 -24.44
CA ASN D 240 9.29 -23.84 -25.42
C ASN D 240 9.47 -22.40 -25.90
N GLN D 241 9.10 -21.44 -25.07
CA GLN D 241 9.26 -20.01 -25.36
C GLN D 241 8.71 -19.67 -26.76
N PHE D 242 7.44 -20.00 -26.96
CA PHE D 242 6.67 -19.49 -28.09
C PHE D 242 5.45 -18.76 -27.56
N THR D 243 4.87 -17.90 -28.39
CA THR D 243 3.72 -17.14 -27.96
C THR D 243 2.44 -17.94 -28.23
N GLU D 244 1.34 -17.41 -27.71
CA GLU D 244 0.03 -18.00 -27.93
C GLU D 244 -0.51 -17.59 -29.30
N PHE D 245 -0.97 -18.57 -30.08
CA PHE D 245 -1.51 -18.27 -31.40
C PHE D 245 -2.97 -17.88 -31.31
N VAL D 246 -3.29 -16.73 -31.88
CA VAL D 246 -4.65 -16.23 -32.01
C VAL D 246 -4.90 -16.03 -33.49
N GLY D 247 -5.80 -16.83 -34.06
CA GLY D 247 -6.12 -16.68 -35.47
C GLY D 247 -6.71 -15.32 -35.80
N THR D 248 -6.66 -14.98 -37.09
CA THR D 248 -7.11 -13.68 -37.58
C THR D 248 -7.66 -13.89 -38.99
N GLN D 249 -8.39 -12.88 -39.48
CA GLN D 249 -8.83 -12.91 -40.87
C GLN D 249 -7.64 -13.04 -41.83
N SER D 250 -6.66 -12.15 -41.71
CA SER D 250 -5.53 -12.18 -42.65
C SER D 250 -4.85 -13.55 -42.64
N VAL D 251 -4.72 -14.17 -41.47
CA VAL D 251 -4.15 -15.50 -41.40
C VAL D 251 -4.99 -16.48 -42.22
N ASP D 252 -6.31 -16.34 -42.14
CA ASP D 252 -7.20 -17.25 -42.87
C ASP D 252 -7.02 -17.12 -44.37
N MET D 253 -6.80 -15.90 -44.86
CA MET D 253 -6.63 -15.74 -46.30
C MET D 253 -5.34 -16.41 -46.77
N LEU D 254 -4.27 -16.30 -45.99
CA LEU D 254 -3.05 -17.06 -46.29
C LEU D 254 -3.26 -18.55 -46.18
N ALA D 255 -4.29 -18.98 -45.45
CA ALA D 255 -4.69 -20.38 -45.45
C ALA D 255 -5.70 -20.71 -46.54
N VAL D 256 -6.41 -19.73 -47.09
CA VAL D 256 -7.40 -20.03 -48.12
C VAL D 256 -6.71 -20.24 -49.48
N LYS D 257 -5.95 -19.25 -49.95
CA LYS D 257 -5.44 -19.29 -51.32
C LYS D 257 -4.11 -20.03 -51.46
N THR D 258 -3.46 -20.43 -50.37
CA THR D 258 -2.44 -21.46 -50.43
C THR D 258 -3.01 -22.82 -50.06
N GLY D 259 -4.28 -22.86 -49.66
CA GLY D 259 -4.97 -24.09 -49.36
C GLY D 259 -4.30 -24.96 -48.33
N VAL D 260 -3.48 -24.37 -47.46
CA VAL D 260 -2.81 -25.10 -46.39
C VAL D 260 -3.50 -24.75 -45.06
N ALA D 261 -3.61 -25.73 -44.18
CA ALA D 261 -4.25 -25.52 -42.89
C ALA D 261 -3.26 -24.98 -41.86
N ILE D 262 -3.75 -24.05 -41.04
CA ILE D 262 -2.94 -23.43 -39.99
C ILE D 262 -2.29 -24.49 -39.12
N GLU D 263 -3.04 -25.55 -38.81
CA GLU D 263 -2.57 -26.58 -37.88
C GLU D 263 -1.33 -27.28 -38.40
N GLN D 264 -1.22 -27.46 -39.73
CA GLN D 264 -0.03 -28.08 -40.29
C GLN D 264 1.22 -27.27 -39.98
N LEU D 265 1.13 -25.93 -40.11
CA LEU D 265 2.30 -25.11 -39.86
C LEU D 265 2.69 -25.13 -38.38
N LEU D 266 1.70 -25.21 -37.50
CA LEU D 266 1.95 -25.26 -36.07
C LEU D 266 2.58 -26.61 -35.66
N TYR D 267 2.35 -27.67 -36.45
CA TYR D 267 3.10 -28.91 -36.29
C TYR D 267 4.52 -28.77 -36.84
N ALA D 268 4.66 -28.15 -38.01
CA ALA D 268 6.00 -27.91 -38.57
C ALA D 268 6.88 -27.10 -37.61
N ILE D 269 6.31 -26.06 -37.00
CA ILE D 269 7.15 -25.13 -36.26
C ILE D 269 7.71 -25.79 -35.00
N GLN D 270 6.94 -26.67 -34.37
CA GLN D 270 7.50 -27.52 -33.30
C GLN D 270 8.56 -28.46 -33.85
N GLN D 271 8.40 -28.90 -35.10
CA GLN D 271 9.43 -29.68 -35.77
C GLN D 271 10.69 -28.85 -36.00
N LEU D 272 10.54 -27.66 -36.61
CA LEU D 272 11.73 -26.90 -36.99
C LEU D 272 12.34 -26.09 -35.85
N TYR D 273 11.67 -25.98 -34.70
CA TYR D 273 12.30 -25.35 -33.53
C TYR D 273 13.50 -26.16 -33.07
N THR D 274 13.39 -27.50 -33.09
CA THR D 274 14.55 -28.34 -32.82
C THR D 274 15.64 -28.11 -33.86
N GLY D 275 15.27 -28.25 -35.15
CA GLY D 275 16.21 -27.96 -36.21
C GLY D 275 15.51 -27.97 -37.55
N PHE D 276 16.18 -27.34 -38.52
CA PHE D 276 15.69 -27.25 -39.89
C PHE D 276 16.06 -28.46 -40.76
N GLN D 277 16.71 -29.48 -40.19
CA GLN D 277 17.18 -30.66 -40.97
C GLN D 277 18.31 -30.22 -41.91
N GLY D 278 18.81 -29.00 -41.74
CA GLY D 278 19.92 -28.47 -42.57
C GLY D 278 19.42 -27.63 -43.73
N LYS D 279 18.15 -27.78 -44.09
CA LYS D 279 17.56 -27.06 -45.24
C LYS D 279 17.22 -25.61 -44.89
N GLN D 280 16.79 -24.81 -45.87
CA GLN D 280 16.52 -23.37 -45.64
C GLN D 280 15.13 -22.94 -46.15
N ILE D 281 14.47 -22.04 -45.42
CA ILE D 281 13.19 -21.47 -45.92
C ILE D 281 13.46 -20.01 -46.25
N LEU D 282 13.23 -19.62 -47.51
CA LEU D 282 13.52 -18.24 -47.95
C LEU D 282 14.90 -17.81 -47.48
N GLY D 283 15.91 -18.63 -47.73
CA GLY D 283 17.30 -18.26 -47.44
C GLY D 283 17.62 -18.18 -45.98
N SER D 284 16.76 -18.71 -45.13
CA SER D 284 17.01 -18.54 -43.68
C SER D 284 17.19 -19.89 -42.99
N THR D 285 18.03 -19.92 -41.96
CA THR D 285 18.30 -21.16 -41.21
C THR D 285 17.46 -21.14 -39.94
N MET D 286 16.70 -20.07 -39.69
CA MET D 286 15.99 -20.01 -38.42
C MET D 286 14.58 -19.43 -38.62
N LEU D 287 13.78 -19.51 -37.57
CA LEU D 287 12.39 -19.05 -37.63
C LEU D 287 12.34 -17.53 -37.68
N GLU D 288 11.45 -17.01 -38.52
CA GLU D 288 11.25 -15.59 -38.71
C GLU D 288 9.86 -15.21 -38.20
N ASP D 289 9.81 -14.19 -37.33
CA ASP D 289 8.57 -13.83 -36.65
C ASP D 289 8.25 -12.34 -36.75
N GLU D 290 8.93 -11.59 -37.61
CA GLU D 290 8.71 -10.15 -37.65
C GLU D 290 8.14 -9.72 -39.00
N PHE D 291 7.40 -10.62 -39.66
CA PHE D 291 6.51 -10.28 -40.76
C PHE D 291 5.12 -10.79 -40.41
N THR D 292 4.13 -9.93 -40.50
CA THR D 292 2.79 -10.19 -40.02
C THR D 292 1.91 -10.69 -41.15
N PRO D 293 0.73 -11.24 -40.85
CA PRO D 293 -0.18 -11.62 -41.92
C PRO D 293 -0.56 -10.45 -42.81
N GLU D 294 -0.64 -9.24 -42.25
CA GLU D 294 -1.02 -8.08 -43.06
C GLU D 294 0.10 -7.71 -44.01
N ASP D 295 1.36 -7.85 -43.57
CA ASP D 295 2.49 -7.67 -44.47
C ASP D 295 2.39 -8.62 -45.67
N VAL D 296 2.31 -9.93 -45.39
CA VAL D 296 2.28 -10.93 -46.45
C VAL D 296 1.13 -10.65 -47.39
N ASN D 297 -0.06 -10.43 -46.84
CA ASN D 297 -1.22 -10.09 -47.66
C ASN D 297 -0.96 -8.88 -48.54
N MET D 298 -0.32 -7.84 -47.98
CA MET D 298 -0.14 -6.59 -48.72
C MET D 298 0.94 -6.73 -49.78
N GLN D 299 2.01 -7.47 -49.48
CA GLN D 299 3.21 -7.54 -50.35
C GLN D 299 3.17 -8.71 -51.33
N ILE D 300 2.44 -9.77 -51.01
CA ILE D 300 2.22 -10.90 -51.94
C ILE D 300 0.70 -10.93 -52.09
N MET D 301 0.15 -9.97 -52.84
CA MET D 301 -1.32 -9.86 -52.98
C MET D 301 -1.78 -10.95 -53.94
#